data_8ZJ0
#
_entry.id   8ZJ0
#
_cell.length_a   86.734
_cell.length_b   94.273
_cell.length_c   166.395
_cell.angle_alpha   90
_cell.angle_beta   90
_cell.angle_gamma   90
#
_symmetry.space_group_name_H-M   'P 2 21 21'
#
loop_
_entity.id
_entity.type
_entity.pdbx_description
1 polymer '4-hydroxythreonine-4-phosphate dehydrogenase'
2 non-polymer 'ZINC ION'
3 non-polymer '3-HYDROXYBENZOIC ACID'
4 non-polymer 'CHLORIDE ION'
5 water water
#
_entity_poly.entity_id   1
_entity_poly.type   'polypeptide(L)'
_entity_poly.pdbx_seq_one_letter_code
;MGSSHHHHHHSSGLVPRGSHMTIVHRRLALAIGDPHGIGPEIALKALQQLSATERSLIKVYGPWSALEQAAQICQMESLL
QDLIHEEAGSLAQPVQCGEITPQAGLSTVQSATAAIRACESGEVDAVIACPHHETAIHRAGIAFSGYPSLLANVLGMNED
EVFLMLVGAGLRIVHVTLHESVRSALERLSPQLVINAVDAAVQTCTLLGVPKPQVAVFGINPHASEGQLFGLEDSQITVP
AVETLRKRGLTVDGPMGADMVLAQRKHDLYVAMLHDQGHIPIKLLAPNGASALSIGGRVVLSSVGHGSAMDIAGRGVADA
TALLRTIALLGAQPV
;
_entity_poly.pdbx_strand_id   A,B,C,D
#
loop_
_chem_comp.id
_chem_comp.type
_chem_comp.name
_chem_comp.formula
3HB non-polymer '3-HYDROXYBENZOIC ACID' 'C7 H6 O3'
CL non-polymer 'CHLORIDE ION' 'Cl -1'
ZN non-polymer 'ZINC ION' 'Zn 2'
#
# COMPACT_ATOMS: atom_id res chain seq x y z
N MET A 21 23.35 -20.40 40.90
CA MET A 21 22.21 -19.53 41.31
C MET A 21 21.10 -19.54 40.23
N THR A 22 20.04 -20.30 40.50
CA THR A 22 18.92 -20.46 39.58
C THR A 22 17.97 -19.28 39.71
N ILE A 23 17.66 -18.63 38.59
CA ILE A 23 16.76 -17.48 38.60
C ILE A 23 15.54 -17.72 37.69
N VAL A 24 15.58 -18.78 36.87
CA VAL A 24 14.50 -19.10 35.95
C VAL A 24 13.78 -20.35 36.44
N HIS A 25 12.54 -20.20 36.90
CA HIS A 25 11.81 -21.30 37.50
C HIS A 25 10.59 -21.69 36.67
N ARG A 26 10.55 -21.24 35.40
CA ARG A 26 9.37 -21.41 34.58
C ARG A 26 9.64 -21.00 33.13
N ARG A 27 8.75 -21.44 32.24
CA ARG A 27 8.87 -21.20 30.80
C ARG A 27 8.62 -19.74 30.50
N LEU A 28 9.50 -19.15 29.69
CA LEU A 28 9.34 -17.77 29.28
C LEU A 28 9.57 -17.66 27.78
N ALA A 29 8.87 -16.69 27.17
CA ALA A 29 9.16 -16.26 25.81
C ALA A 29 10.03 -15.02 25.88
N LEU A 30 11.05 -14.95 25.01
CA LEU A 30 11.89 -13.78 24.86
C LEU A 30 11.84 -13.36 23.40
N ALA A 31 11.12 -12.27 23.14
CA ALA A 31 11.15 -11.62 21.83
C ALA A 31 12.37 -10.71 21.79
N ILE A 32 13.17 -10.83 20.73
CA ILE A 32 14.47 -10.17 20.66
C ILE A 32 14.34 -8.72 20.21
N GLY A 33 13.11 -8.21 20.05
CA GLY A 33 12.93 -6.80 19.76
C GLY A 33 13.55 -6.43 18.42
N ASP A 34 13.96 -5.17 18.27
CA ASP A 34 14.39 -4.68 16.98
C ASP A 34 15.67 -5.38 16.57
N PRO A 35 15.66 -6.11 15.44
CA PRO A 35 16.80 -6.96 15.05
C PRO A 35 18.02 -6.20 14.57
N HIS A 36 17.88 -4.88 14.44
CA HIS A 36 18.97 -3.99 14.07
C HIS A 36 19.58 -3.33 15.33
N GLY A 37 18.88 -3.45 16.47
CA GLY A 37 19.32 -2.84 17.72
C GLY A 37 20.17 -3.80 18.55
N ILE A 38 20.30 -3.50 19.84
CA ILE A 38 21.11 -4.30 20.74
C ILE A 38 20.31 -5.49 21.25
N GLY A 39 19.02 -5.55 20.94
CA GLY A 39 18.13 -6.58 21.46
C GLY A 39 18.71 -7.99 21.28
N PRO A 40 19.03 -8.39 20.03
CA PRO A 40 19.66 -9.69 19.78
C PRO A 40 20.90 -9.95 20.63
N GLU A 41 21.77 -8.93 20.78
CA GLU A 41 23.04 -9.06 21.47
C GLU A 41 22.82 -9.33 22.96
N ILE A 42 21.95 -8.53 23.60
CA ILE A 42 21.66 -8.68 25.01
C ILE A 42 20.91 -9.99 25.27
N ALA A 43 20.06 -10.41 24.31
CA ALA A 43 19.40 -11.69 24.41
C ALA A 43 20.45 -12.80 24.58
N LEU A 44 21.45 -12.81 23.70
CA LEU A 44 22.47 -13.83 23.75
C LEU A 44 23.30 -13.70 25.02
N LYS A 45 23.63 -12.46 25.43
CA LYS A 45 24.50 -12.25 26.57
C LYS A 45 23.80 -12.64 27.88
N ALA A 46 22.48 -12.46 27.94
CA ALA A 46 21.69 -12.89 29.08
C ALA A 46 21.60 -14.42 29.14
N LEU A 47 21.27 -15.06 28.01
CA LEU A 47 21.15 -16.52 27.94
C LEU A 47 22.48 -17.19 28.29
N GLN A 48 23.58 -16.60 27.77
CA GLN A 48 24.93 -17.08 28.02
C GLN A 48 25.18 -17.31 29.52
N GLN A 49 24.59 -16.47 30.37
CA GLN A 49 24.91 -16.45 31.79
C GLN A 49 24.08 -17.46 32.58
N LEU A 50 23.09 -18.10 31.95
CA LEU A 50 22.23 -19.03 32.65
C LEU A 50 22.82 -20.43 32.51
N SER A 51 22.24 -21.42 33.19
CA SER A 51 22.64 -22.80 33.03
C SER A 51 22.01 -23.37 31.76
N ALA A 52 22.39 -24.59 31.39
CA ALA A 52 21.76 -25.28 30.27
C ALA A 52 20.27 -25.47 30.56
N THR A 53 19.97 -25.89 31.81
CA THR A 53 18.62 -26.11 32.27
C THR A 53 17.78 -24.84 32.12
N GLU A 54 18.30 -23.71 32.64
CA GLU A 54 17.58 -22.44 32.59
C GLU A 54 17.32 -22.01 31.15
N ARG A 55 18.30 -22.23 30.27
CA ARG A 55 18.23 -21.79 28.89
C ARG A 55 17.16 -22.54 28.12
N SER A 56 16.85 -23.77 28.53
CA SER A 56 15.86 -24.57 27.84
C SER A 56 14.45 -24.17 28.26
N LEU A 57 14.33 -23.36 29.32
CA LEU A 57 13.04 -22.83 29.77
C LEU A 57 12.70 -21.51 29.08
N ILE A 58 13.65 -20.95 28.32
CA ILE A 58 13.45 -19.71 27.60
C ILE A 58 13.35 -20.01 26.10
N LYS A 59 12.21 -19.69 25.50
CA LYS A 59 12.04 -19.86 24.06
C LYS A 59 12.16 -18.50 23.38
N VAL A 60 13.03 -18.41 22.37
CA VAL A 60 13.43 -17.15 21.77
C VAL A 60 12.68 -16.92 20.45
N TYR A 61 11.98 -15.79 20.35
CA TYR A 61 11.19 -15.45 19.17
C TYR A 61 11.90 -14.32 18.44
N GLY A 62 12.09 -14.46 17.14
CA GLY A 62 12.78 -13.46 16.35
C GLY A 62 13.47 -14.07 15.13
N PRO A 63 14.01 -13.23 14.21
CA PRO A 63 14.65 -13.71 13.00
C PRO A 63 15.98 -14.35 13.32
N TRP A 64 16.23 -15.53 12.75
CA TRP A 64 17.43 -16.28 13.09
C TRP A 64 18.68 -15.56 12.57
N SER A 65 18.54 -14.83 11.46
CA SER A 65 19.63 -14.05 10.88
C SER A 65 20.20 -13.07 11.90
N ALA A 66 19.32 -12.46 12.70
CA ALA A 66 19.74 -11.46 13.67
C ALA A 66 20.53 -12.11 14.79
N LEU A 67 20.12 -13.32 15.17
CA LEU A 67 20.78 -14.04 16.25
C LEU A 67 22.12 -14.56 15.78
N GLU A 68 22.23 -14.93 14.50
CA GLU A 68 23.48 -15.36 13.90
C GLU A 68 24.48 -14.21 13.88
N GLN A 69 23.98 -13.03 13.48
CA GLN A 69 24.78 -11.81 13.47
C GLN A 69 25.36 -11.58 14.87
N ALA A 70 24.49 -11.49 15.89
CA ALA A 70 24.93 -11.20 17.23
C ALA A 70 25.83 -12.30 17.81
N ALA A 71 25.74 -13.52 17.27
CA ALA A 71 26.62 -14.60 17.69
C ALA A 71 28.05 -14.38 17.17
N GLN A 72 28.20 -13.97 15.90
CA GLN A 72 29.49 -13.59 15.35
C GLN A 72 30.18 -12.53 16.22
N ILE A 73 29.46 -11.44 16.48
CA ILE A 73 30.01 -10.25 17.11
C ILE A 73 30.46 -10.57 18.55
N CYS A 74 29.56 -11.18 19.34
CA CYS A 74 29.83 -11.53 20.74
C CYS A 74 30.62 -12.84 20.87
N GLN A 75 30.77 -13.58 19.76
CA GLN A 75 31.59 -14.78 19.70
C GLN A 75 30.96 -15.91 20.51
N MET A 76 29.66 -16.14 20.27
CA MET A 76 28.88 -17.11 21.02
C MET A 76 28.13 -18.02 20.06
N GLU A 77 28.80 -18.45 18.98
CA GLU A 77 28.17 -19.30 17.98
C GLU A 77 27.81 -20.64 18.64
N SER A 78 28.61 -21.10 19.59
CA SER A 78 28.36 -22.38 20.25
C SER A 78 26.98 -22.38 20.87
N LEU A 79 26.53 -21.21 21.33
CA LEU A 79 25.30 -21.08 22.10
C LEU A 79 24.05 -21.32 21.25
N LEU A 80 24.11 -20.98 19.94
CA LEU A 80 22.95 -21.04 19.07
C LEU A 80 22.42 -22.47 18.99
N GLN A 81 23.36 -23.43 19.00
CA GLN A 81 23.03 -24.85 18.91
C GLN A 81 21.97 -25.19 19.95
N ASP A 82 22.19 -24.77 21.20
CA ASP A 82 21.32 -25.29 22.27
C ASP A 82 20.13 -24.36 22.51
N LEU A 83 19.86 -23.41 21.60
CA LEU A 83 18.82 -22.42 21.87
C LEU A 83 17.46 -23.00 21.46
N ILE A 84 16.44 -22.80 22.29
CA ILE A 84 15.09 -23.11 21.85
C ILE A 84 14.58 -21.87 21.14
N HIS A 85 14.09 -22.05 19.91
CA HIS A 85 13.88 -20.95 19.00
C HIS A 85 12.66 -21.18 18.09
N GLU A 86 11.96 -20.08 17.81
CA GLU A 86 10.93 -20.04 16.80
C GLU A 86 11.18 -18.84 15.91
N GLU A 87 11.31 -19.07 14.60
CA GLU A 87 11.45 -18.00 13.64
C GLU A 87 10.22 -17.10 13.69
N ALA A 88 10.45 -15.80 13.94
CA ALA A 88 9.41 -14.79 13.83
C ALA A 88 10.01 -13.50 13.31
N GLY A 89 9.22 -12.75 12.55
CA GLY A 89 9.66 -11.47 12.01
C GLY A 89 10.89 -11.64 11.14
N SER A 90 10.82 -12.61 10.23
CA SER A 90 11.90 -12.85 9.30
C SER A 90 12.14 -11.60 8.49
N LEU A 91 13.37 -11.45 8.01
CA LEU A 91 13.80 -10.33 7.20
C LEU A 91 13.92 -10.73 5.74
N ALA A 92 13.75 -9.75 4.85
CA ALA A 92 13.84 -9.95 3.41
C ALA A 92 15.22 -9.59 2.87
N GLN A 93 16.10 -9.10 3.75
CA GLN A 93 17.43 -8.66 3.36
C GLN A 93 18.36 -8.90 4.53
N PRO A 94 19.70 -8.83 4.33
CA PRO A 94 20.63 -8.82 5.45
C PRO A 94 20.25 -7.84 6.55
N VAL A 95 20.67 -8.17 7.78
CA VAL A 95 20.56 -7.30 8.92
C VAL A 95 21.47 -6.10 8.71
N GLN A 96 20.99 -4.92 9.10
CA GLN A 96 21.77 -3.70 9.06
C GLN A 96 21.87 -3.14 10.47
N CYS A 97 22.87 -3.63 11.22
CA CYS A 97 23.08 -3.17 12.59
C CYS A 97 23.19 -1.65 12.63
N GLY A 98 22.40 -1.03 13.51
CA GLY A 98 22.48 0.40 13.70
C GLY A 98 21.42 1.16 12.93
N GLU A 99 20.91 0.57 11.84
CA GLU A 99 20.01 1.27 10.94
C GLU A 99 18.56 1.16 11.40
N ILE A 100 17.82 2.27 11.30
CA ILE A 100 16.39 2.33 11.51
C ILE A 100 15.69 2.04 10.19
N THR A 101 14.94 0.93 10.10
CA THR A 101 14.28 0.56 8.85
C THR A 101 12.91 0.00 9.17
N PRO A 102 11.91 0.25 8.30
CA PRO A 102 10.56 -0.26 8.52
C PRO A 102 10.50 -1.77 8.68
N GLN A 103 11.40 -2.49 8.00
CA GLN A 103 11.39 -3.95 8.04
C GLN A 103 11.74 -4.40 9.46
N ALA A 104 12.74 -3.76 10.06
CA ALA A 104 13.10 -4.03 11.45
C ALA A 104 11.93 -3.72 12.37
N GLY A 105 11.14 -2.69 12.00
CA GLY A 105 9.98 -2.29 12.77
C GLY A 105 8.92 -3.39 12.79
N LEU A 106 8.58 -3.89 11.60
CA LEU A 106 7.67 -5.01 11.46
C LEU A 106 8.20 -6.22 12.23
N SER A 107 9.48 -6.54 12.02
CA SER A 107 10.13 -7.67 12.68
C SER A 107 9.85 -7.63 14.19
N THR A 108 10.04 -6.46 14.80
CA THR A 108 9.84 -6.25 16.23
C THR A 108 8.43 -6.68 16.62
N VAL A 109 7.43 -6.16 15.93
CA VAL A 109 6.05 -6.36 16.29
C VAL A 109 5.65 -7.83 16.06
N GLN A 110 6.26 -8.48 15.07
CA GLN A 110 5.92 -9.86 14.73
C GLN A 110 6.45 -10.79 15.80
N SER A 111 7.68 -10.52 16.26
CA SER A 111 8.33 -11.32 17.29
C SER A 111 7.56 -11.24 18.59
N ALA A 112 7.21 -10.01 18.98
CA ALA A 112 6.45 -9.78 20.18
C ALA A 112 5.09 -10.45 20.06
N THR A 113 4.47 -10.43 18.88
CA THR A 113 3.16 -11.02 18.65
C THR A 113 3.25 -12.54 18.75
N ALA A 114 4.27 -13.12 18.11
CA ALA A 114 4.53 -14.54 18.22
C ALA A 114 4.68 -14.93 19.68
N ALA A 115 5.46 -14.15 20.43
CA ALA A 115 5.73 -14.44 21.83
C ALA A 115 4.44 -14.31 22.65
N ILE A 116 3.68 -13.25 22.41
CA ILE A 116 2.46 -12.99 23.17
C ILE A 116 1.45 -14.12 22.94
N ARG A 117 1.41 -14.68 21.72
CA ARG A 117 0.45 -15.72 21.38
C ARG A 117 0.85 -17.04 22.02
N ALA A 118 2.16 -17.25 22.20
CA ALA A 118 2.67 -18.42 22.90
C ALA A 118 2.26 -18.36 24.35
N CYS A 119 2.18 -17.15 24.91
CA CYS A 119 1.74 -16.95 26.29
C CYS A 119 0.23 -17.13 26.37
N GLU A 120 -0.50 -16.58 25.38
CA GLU A 120 -1.94 -16.73 25.30
C GLU A 120 -2.30 -18.22 25.30
N SER A 121 -1.61 -18.99 24.44
CA SER A 121 -1.94 -20.39 24.25
C SER A 121 -1.52 -21.25 25.43
N GLY A 122 -0.62 -20.76 26.29
CA GLY A 122 -0.19 -21.49 27.46
C GLY A 122 1.16 -22.20 27.25
N GLU A 123 1.78 -21.98 26.09
CA GLU A 123 3.03 -22.62 25.79
C GLU A 123 4.13 -22.05 26.70
N VAL A 124 4.02 -20.76 27.05
CA VAL A 124 4.88 -20.15 28.05
C VAL A 124 3.99 -19.42 29.07
N ASP A 125 4.63 -18.96 30.16
CA ASP A 125 3.91 -18.45 31.32
C ASP A 125 4.04 -16.94 31.43
N ALA A 126 5.00 -16.35 30.71
CA ALA A 126 5.13 -14.89 30.62
C ALA A 126 6.05 -14.55 29.47
N VAL A 127 6.12 -13.27 29.12
CA VAL A 127 6.87 -12.80 27.96
C VAL A 127 7.80 -11.66 28.35
N ILE A 128 9.00 -11.65 27.77
CA ILE A 128 9.94 -10.55 27.90
C ILE A 128 10.24 -10.01 26.51
N ALA A 129 10.16 -8.69 26.33
CA ALA A 129 10.43 -8.02 25.06
C ALA A 129 11.71 -7.20 25.17
N CYS A 130 12.69 -7.56 24.34
CA CYS A 130 13.90 -6.78 24.20
C CYS A 130 13.51 -5.49 23.49
N PRO A 131 14.40 -4.49 23.48
CA PRO A 131 14.06 -3.14 23.03
C PRO A 131 13.60 -3.01 21.59
N HIS A 132 12.56 -2.20 21.39
CA HIS A 132 12.06 -1.79 20.09
C HIS A 132 12.64 -0.44 19.75
N HIS A 133 12.40 0.00 18.50
CA HIS A 133 12.59 1.39 18.09
C HIS A 133 11.29 1.92 17.50
N GLU A 134 10.75 2.99 18.09
CA GLU A 134 9.41 3.47 17.76
C GLU A 134 9.36 4.03 16.34
N THR A 135 10.41 4.76 15.94
CA THR A 135 10.42 5.33 14.61
C THR A 135 10.30 4.20 13.61
N ALA A 136 11.05 3.12 13.86
CA ALA A 136 11.08 1.98 12.98
C ALA A 136 9.67 1.42 12.82
N ILE A 137 8.98 1.23 13.95
CA ILE A 137 7.66 0.64 13.93
C ILE A 137 6.72 1.58 13.19
N HIS A 138 6.88 2.90 13.40
CA HIS A 138 5.97 3.88 12.81
C HIS A 138 6.13 3.88 11.30
N ARG A 139 7.37 3.78 10.82
CA ARG A 139 7.64 3.82 9.39
C ARG A 139 7.15 2.56 8.68
N ALA A 140 6.90 1.49 9.46
CA ALA A 140 6.30 0.28 8.91
C ALA A 140 4.79 0.46 8.77
N GLY A 141 4.27 1.60 9.22
CA GLY A 141 2.85 1.89 9.12
C GLY A 141 2.05 1.21 10.22
N ILE A 142 2.67 0.97 11.38
CA ILE A 142 2.03 0.25 12.46
C ILE A 142 1.78 1.20 13.64
N ALA A 143 0.52 1.18 14.10
CA ALA A 143 0.08 1.95 15.25
C ALA A 143 0.64 1.33 16.52
N PHE A 144 1.46 2.10 17.26
CA PHE A 144 2.15 1.56 18.42
C PHE A 144 2.33 2.67 19.43
N SER A 145 1.61 2.52 20.56
CA SER A 145 1.59 3.50 21.65
C SER A 145 2.07 2.86 22.95
N GLY A 146 3.02 1.91 22.87
CA GLY A 146 3.44 1.13 24.02
C GLY A 146 2.91 -0.30 23.99
N TYR A 147 3.46 -1.13 24.91
CA TYR A 147 3.17 -2.55 24.95
C TYR A 147 1.77 -2.81 25.49
N PRO A 148 1.22 -2.00 26.42
CA PRO A 148 -0.18 -2.16 26.82
C PRO A 148 -1.11 -2.20 25.61
N SER A 149 -0.92 -1.28 24.66
CA SER A 149 -1.71 -1.21 23.44
C SER A 149 -1.56 -2.49 22.61
N LEU A 150 -0.30 -2.83 22.31
CA LEU A 150 0.00 -3.97 21.46
C LEU A 150 -0.72 -5.20 22.00
N LEU A 151 -0.56 -5.38 23.32
CA LEU A 151 -1.09 -6.54 24.01
C LEU A 151 -2.60 -6.68 23.78
N ALA A 152 -3.30 -5.55 23.87
CA ALA A 152 -4.75 -5.49 23.70
C ALA A 152 -5.16 -5.88 22.28
N ASN A 153 -4.57 -5.20 21.30
CA ASN A 153 -4.87 -5.45 19.90
C ASN A 153 -4.68 -6.92 19.55
N VAL A 154 -3.58 -7.51 20.04
CA VAL A 154 -3.22 -8.89 19.69
C VAL A 154 -4.20 -9.87 20.34
N LEU A 155 -4.58 -9.60 21.59
CA LEU A 155 -5.41 -10.49 22.37
C LEU A 155 -6.89 -10.27 22.08
N GLY A 156 -7.25 -9.15 21.45
CA GLY A 156 -8.64 -8.85 21.15
C GLY A 156 -9.36 -8.30 22.37
N MET A 157 -8.74 -7.30 23.00
CA MET A 157 -9.25 -6.63 24.19
C MET A 157 -9.25 -5.12 23.95
N ASN A 158 -10.15 -4.43 24.68
CA ASN A 158 -10.14 -2.97 24.71
C ASN A 158 -8.89 -2.52 25.46
N GLU A 159 -8.27 -1.42 25.01
CA GLU A 159 -7.01 -0.95 25.55
C GLU A 159 -7.12 -0.59 27.04
N ASP A 160 -8.37 -0.23 27.42
CA ASP A 160 -8.82 0.12 28.76
C ASP A 160 -8.79 -1.06 29.72
N GLU A 161 -8.86 -2.29 29.17
CA GLU A 161 -8.89 -3.55 29.91
C GLU A 161 -7.47 -4.09 30.14
N VAL A 162 -6.43 -3.37 29.66
CA VAL A 162 -5.05 -3.81 29.84
C VAL A 162 -4.27 -2.73 30.61
N PHE A 163 -3.47 -3.12 31.62
CA PHE A 163 -2.90 -2.23 32.61
C PHE A 163 -1.39 -2.36 32.64
N LEU A 164 -0.70 -1.36 33.19
CA LEU A 164 0.73 -1.39 33.41
C LEU A 164 1.05 -1.44 34.90
N MET A 165 1.81 -2.46 35.31
CA MET A 165 2.39 -2.53 36.64
C MET A 165 3.88 -2.19 36.59
N LEU A 166 4.34 -1.21 37.36
CA LEU A 166 5.77 -0.98 37.57
C LEU A 166 6.23 -1.73 38.81
N VAL A 167 7.44 -2.30 38.72
CA VAL A 167 8.03 -3.08 39.78
C VAL A 167 9.49 -2.64 39.95
N GLY A 168 9.89 -2.37 41.19
CA GLY A 168 11.21 -1.85 41.47
C GLY A 168 11.34 -1.50 42.95
N ALA A 169 12.46 -1.93 43.56
CA ALA A 169 12.79 -1.64 44.94
C ALA A 169 11.70 -2.13 45.90
N GLY A 170 11.21 -3.36 45.70
CA GLY A 170 10.22 -3.96 46.59
C GLY A 170 8.78 -3.52 46.28
N LEU A 171 8.61 -2.45 45.50
CA LEU A 171 7.30 -1.85 45.25
C LEU A 171 6.69 -2.44 43.99
N ARG A 172 5.38 -2.75 44.06
CA ARG A 172 4.61 -3.15 42.90
C ARG A 172 3.39 -2.24 42.83
N ILE A 173 3.24 -1.51 41.71
CA ILE A 173 2.16 -0.54 41.56
C ILE A 173 1.49 -0.72 40.19
N VAL A 174 0.29 -1.30 40.16
CA VAL A 174 -0.53 -1.30 38.96
C VAL A 174 -1.21 0.07 38.85
N HIS A 175 -1.37 0.58 37.62
CA HIS A 175 -1.99 1.86 37.36
C HIS A 175 -3.31 1.60 36.66
N VAL A 176 -4.38 2.28 37.10
CA VAL A 176 -5.71 2.03 36.56
C VAL A 176 -5.87 2.82 35.27
N THR A 177 -5.30 4.03 35.24
CA THR A 177 -5.13 4.83 34.04
C THR A 177 -3.63 5.11 33.84
N LEU A 178 -3.25 5.57 32.64
CA LEU A 178 -1.85 5.66 32.29
C LEU A 178 -1.63 6.88 31.39
N HIS A 179 -1.39 6.65 30.10
CA HIS A 179 -0.78 7.68 29.26
C HIS A 179 -1.90 8.48 28.62
N GLU A 180 -2.52 9.35 29.43
CA GLU A 180 -3.57 10.26 28.99
C GLU A 180 -3.55 11.47 29.92
N SER A 181 -4.25 12.54 29.55
CA SER A 181 -4.29 13.74 30.38
C SER A 181 -4.97 13.38 31.70
N VAL A 182 -4.66 14.15 32.76
CA VAL A 182 -5.19 13.88 34.08
C VAL A 182 -6.71 13.96 34.02
N ARG A 183 -7.23 14.99 33.36
CA ARG A 183 -8.66 15.21 33.20
C ARG A 183 -9.28 14.01 32.50
N SER A 184 -8.70 13.62 31.37
CA SER A 184 -9.16 12.48 30.59
C SER A 184 -9.23 11.20 31.42
N ALA A 185 -8.28 11.02 32.35
CA ALA A 185 -8.21 9.88 33.25
C ALA A 185 -9.34 9.91 34.28
N LEU A 186 -9.61 11.09 34.84
CA LEU A 186 -10.66 11.24 35.83
C LEU A 186 -12.02 10.97 35.18
N GLU A 187 -12.19 11.43 33.93
CA GLU A 187 -13.43 11.21 33.21
C GLU A 187 -13.64 9.70 33.05
N ARG A 188 -12.55 8.92 32.90
CA ARG A 188 -12.64 7.50 32.58
C ARG A 188 -12.73 6.62 33.83
N LEU A 189 -12.26 7.11 34.98
CA LEU A 189 -12.20 6.27 36.18
C LEU A 189 -13.59 5.79 36.56
N SER A 190 -13.71 4.52 36.95
CA SER A 190 -14.98 3.93 37.38
C SER A 190 -14.71 2.81 38.39
N PRO A 191 -15.71 2.41 39.21
CA PRO A 191 -15.57 1.24 40.07
C PRO A 191 -15.07 0.00 39.33
N GLN A 192 -15.60 -0.24 38.13
CA GLN A 192 -15.29 -1.44 37.36
C GLN A 192 -13.83 -1.40 36.90
N LEU A 193 -13.40 -0.23 36.40
CA LEU A 193 -12.06 -0.09 35.88
C LEU A 193 -11.04 -0.41 36.99
N VAL A 194 -11.30 0.02 38.21
CA VAL A 194 -10.42 -0.24 39.33
C VAL A 194 -10.42 -1.72 39.66
N ILE A 195 -11.61 -2.32 39.76
CA ILE A 195 -11.75 -3.74 40.05
C ILE A 195 -10.90 -4.53 39.05
N ASN A 196 -11.04 -4.17 37.77
CA ASN A 196 -10.31 -4.83 36.69
C ASN A 196 -8.80 -4.76 36.92
N ALA A 197 -8.31 -3.57 37.31
CA ALA A 197 -6.89 -3.37 37.51
C ALA A 197 -6.37 -4.28 38.61
N VAL A 198 -7.13 -4.38 39.70
CA VAL A 198 -6.73 -5.19 40.84
C VAL A 198 -6.71 -6.67 40.45
N ASP A 199 -7.77 -7.13 39.76
CA ASP A 199 -7.87 -8.52 39.31
C ASP A 199 -6.70 -8.87 38.40
N ALA A 200 -6.33 -7.95 37.49
CA ALA A 200 -5.20 -8.16 36.60
C ALA A 200 -3.89 -8.23 37.40
N ALA A 201 -3.72 -7.29 38.33
CA ALA A 201 -2.51 -7.23 39.13
C ALA A 201 -2.38 -8.43 40.08
N VAL A 202 -3.50 -8.93 40.59
CA VAL A 202 -3.50 -10.05 41.53
C VAL A 202 -3.03 -11.31 40.78
N GLN A 203 -3.65 -11.58 39.63
CA GLN A 203 -3.22 -12.68 38.76
C GLN A 203 -1.70 -12.56 38.53
N THR A 204 -1.23 -11.35 38.23
CA THR A 204 0.18 -11.10 37.95
C THR A 204 1.04 -11.36 39.19
N CYS A 205 0.51 -11.07 40.39
CA CYS A 205 1.25 -11.29 41.61
C CYS A 205 1.52 -12.79 41.85
N THR A 206 0.57 -13.64 41.45
CA THR A 206 0.75 -15.08 41.51
C THR A 206 2.02 -15.49 40.73
N LEU A 207 2.18 -14.94 39.51
CA LEU A 207 3.33 -15.20 38.68
C LEU A 207 4.62 -14.75 39.38
N LEU A 208 4.57 -13.59 40.06
CA LEU A 208 5.77 -12.97 40.59
C LEU A 208 6.22 -13.65 41.89
N GLY A 209 5.37 -14.52 42.45
CA GLY A 209 5.76 -15.38 43.57
C GLY A 209 5.10 -14.98 44.89
N VAL A 210 4.02 -14.18 44.79
CA VAL A 210 3.29 -13.70 45.95
C VAL A 210 1.83 -14.12 45.76
N PRO A 211 1.44 -15.36 46.13
CA PRO A 211 0.12 -15.90 45.78
C PRO A 211 -1.06 -15.03 46.21
N LYS A 212 -1.16 -14.74 47.51
CA LYS A 212 -2.33 -14.09 48.07
C LYS A 212 -1.90 -12.76 48.69
N PRO A 213 -1.77 -11.70 47.88
CA PRO A 213 -1.16 -10.44 48.34
C PRO A 213 -2.01 -9.44 49.10
N GLN A 214 -1.35 -8.63 49.93
CA GLN A 214 -1.95 -7.49 50.60
C GLN A 214 -2.04 -6.32 49.62
N VAL A 215 -3.25 -5.75 49.48
CA VAL A 215 -3.49 -4.72 48.47
C VAL A 215 -3.86 -3.40 49.14
N ALA A 216 -3.23 -2.32 48.66
CA ALA A 216 -3.59 -0.96 49.05
C ALA A 216 -4.03 -0.18 47.82
N VAL A 217 -5.19 0.46 47.92
CA VAL A 217 -5.75 1.26 46.84
C VAL A 217 -5.55 2.73 47.17
N PHE A 218 -4.80 3.43 46.32
CA PHE A 218 -4.59 4.87 46.43
C PHE A 218 -5.91 5.60 46.24
N GLY A 219 -6.04 6.73 46.94
CA GLY A 219 -7.10 7.68 46.66
C GLY A 219 -6.85 8.43 45.36
N ILE A 220 -7.93 8.82 44.69
CA ILE A 220 -7.85 9.71 43.55
C ILE A 220 -7.40 11.09 44.04
N ASN A 221 -8.08 11.58 45.07
CA ASN A 221 -7.81 12.90 45.60
C ASN A 221 -6.86 12.81 46.78
N PRO A 222 -6.22 13.93 47.15
CA PRO A 222 -5.45 14.01 48.39
C PRO A 222 -6.20 13.42 49.58
N HIS A 223 -5.48 12.67 50.42
CA HIS A 223 -6.01 12.14 51.65
C HIS A 223 -7.20 11.22 51.34
N ALA A 224 -7.25 10.67 50.12
CA ALA A 224 -8.37 9.87 49.61
C ALA A 224 -9.70 10.60 49.71
N SER A 225 -9.67 11.91 49.40
CA SER A 225 -10.84 12.78 49.43
C SER A 225 -11.18 13.28 50.85
N GLU A 226 -10.66 12.62 51.88
CA GLU A 226 -10.90 12.95 53.28
C GLU A 226 -12.40 12.89 53.56
N GLY A 227 -12.95 11.71 53.28
CA GLY A 227 -14.40 11.51 53.26
C GLY A 227 -14.92 12.02 51.93
N GLN A 228 -15.48 13.24 51.97
CA GLN A 228 -15.89 13.94 50.77
C GLN A 228 -15.42 15.40 50.78
N LEU A 229 -14.50 15.72 51.70
CA LEU A 229 -14.11 17.09 52.00
C LEU A 229 -13.29 17.64 50.84
N PHE A 230 -12.52 16.76 50.16
CA PHE A 230 -11.67 17.15 49.05
C PHE A 230 -12.14 16.46 47.75
N GLY A 231 -13.44 16.48 47.48
CA GLY A 231 -13.97 15.96 46.22
C GLY A 231 -14.79 14.70 46.47
N LEU A 232 -15.66 14.38 45.51
CA LEU A 232 -16.61 13.30 45.65
C LEU A 232 -16.08 12.01 45.01
N GLU A 233 -14.98 12.07 44.27
CA GLU A 233 -14.62 11.00 43.35
C GLU A 233 -14.38 9.69 44.10
N ASP A 234 -13.75 9.76 45.28
CA ASP A 234 -13.32 8.56 45.98
C ASP A 234 -14.54 7.82 46.56
N SER A 235 -15.60 8.53 46.93
CA SER A 235 -16.79 7.91 47.47
C SER A 235 -17.62 7.28 46.35
N GLN A 236 -17.35 7.66 45.10
CA GLN A 236 -18.10 7.14 43.97
C GLN A 236 -17.35 6.01 43.26
N ILE A 237 -16.04 5.94 43.44
CA ILE A 237 -15.20 5.09 42.60
C ILE A 237 -14.39 4.10 43.44
N THR A 238 -13.47 4.61 44.26
CA THR A 238 -12.53 3.74 44.93
C THR A 238 -13.24 3.04 46.08
N VAL A 239 -14.11 3.76 46.80
CA VAL A 239 -14.73 3.18 47.98
C VAL A 239 -15.63 2.00 47.56
N PRO A 240 -16.63 2.17 46.65
CA PRO A 240 -17.42 1.04 46.15
C PRO A 240 -16.58 -0.12 45.62
N ALA A 241 -15.49 0.17 44.91
CA ALA A 241 -14.67 -0.85 44.30
C ALA A 241 -14.03 -1.74 45.37
N VAL A 242 -13.52 -1.08 46.45
CA VAL A 242 -12.85 -1.78 47.53
C VAL A 242 -13.83 -2.67 48.27
N GLU A 243 -15.07 -2.18 48.48
CA GLU A 243 -16.11 -2.97 49.15
C GLU A 243 -16.49 -4.20 48.33
N THR A 244 -16.55 -4.05 47.00
CA THR A 244 -16.90 -5.15 46.11
C THR A 244 -15.77 -6.19 46.14
N LEU A 245 -14.51 -5.74 46.27
CA LEU A 245 -13.37 -6.62 46.23
C LEU A 245 -13.20 -7.36 47.55
N ARG A 246 -13.55 -6.72 48.67
CA ARG A 246 -13.51 -7.40 49.97
C ARG A 246 -14.55 -8.51 49.99
N LYS A 247 -15.77 -8.22 49.47
CA LYS A 247 -16.88 -9.17 49.48
C LYS A 247 -16.54 -10.44 48.69
N ARG A 248 -15.71 -10.31 47.65
CA ARG A 248 -15.23 -11.45 46.88
C ARG A 248 -14.02 -12.09 47.55
N GLY A 249 -13.59 -11.54 48.69
CA GLY A 249 -12.70 -12.21 49.63
C GLY A 249 -11.24 -11.88 49.36
N LEU A 250 -10.96 -10.63 48.99
CA LEU A 250 -9.61 -10.13 48.82
C LEU A 250 -9.25 -9.22 50.00
N THR A 251 -8.00 -9.32 50.48
CA THR A 251 -7.47 -8.45 51.52
C THR A 251 -7.08 -7.12 50.90
N VAL A 252 -7.96 -6.11 51.06
CA VAL A 252 -7.79 -4.80 50.44
C VAL A 252 -7.99 -3.70 51.48
N ASP A 253 -6.96 -2.87 51.69
CA ASP A 253 -7.10 -1.64 52.43
C ASP A 253 -7.28 -0.47 51.47
N GLY A 254 -8.07 0.53 51.90
CA GLY A 254 -8.14 1.79 51.20
C GLY A 254 -9.58 2.14 50.85
N PRO A 255 -9.84 3.22 50.10
CA PRO A 255 -8.77 4.10 49.59
C PRO A 255 -8.11 4.89 50.73
N MET A 256 -6.79 5.04 50.63
CA MET A 256 -6.03 5.90 51.54
C MET A 256 -5.13 6.80 50.70
N GLY A 257 -4.73 7.94 51.27
CA GLY A 257 -3.83 8.87 50.61
C GLY A 257 -2.52 8.19 50.19
N ALA A 258 -2.14 8.36 48.92
CA ALA A 258 -1.05 7.58 48.35
C ALA A 258 0.23 7.81 49.13
N ASP A 259 0.44 9.06 49.58
CA ASP A 259 1.63 9.45 50.30
C ASP A 259 1.77 8.63 51.58
N MET A 260 0.68 8.51 52.32
CA MET A 260 0.69 7.94 53.65
C MET A 260 0.80 6.42 53.57
N VAL A 261 0.10 5.78 52.63
CA VAL A 261 0.04 4.33 52.56
C VAL A 261 1.39 3.79 52.08
N LEU A 262 1.94 4.39 51.03
CA LEU A 262 3.21 3.97 50.46
C LEU A 262 4.25 3.94 51.57
N ALA A 263 4.26 4.99 52.41
CA ALA A 263 5.31 5.18 53.40
C ALA A 263 5.31 4.08 54.45
N GLN A 264 4.16 3.43 54.67
CA GLN A 264 4.04 2.35 55.64
C GLN A 264 4.83 1.12 55.14
N ARG A 265 4.88 0.92 53.82
CA ARG A 265 5.68 -0.12 53.19
C ARG A 265 5.31 -1.51 53.69
N LYS A 266 4.01 -1.84 53.66
CA LYS A 266 3.52 -3.09 54.26
C LYS A 266 2.47 -3.76 53.39
N HIS A 267 2.44 -3.45 52.09
CA HIS A 267 1.56 -4.12 51.15
C HIS A 267 2.40 -4.69 50.01
N ASP A 268 1.90 -5.76 49.40
CA ASP A 268 2.59 -6.40 48.30
C ASP A 268 2.24 -5.75 46.97
N LEU A 269 1.11 -5.04 46.95
CA LEU A 269 0.61 -4.43 45.73
C LEU A 269 -0.09 -3.12 46.08
N TYR A 270 0.36 -2.03 45.45
CA TYR A 270 -0.34 -0.76 45.51
C TYR A 270 -1.10 -0.55 44.21
N VAL A 271 -2.24 0.15 44.28
CA VAL A 271 -3.07 0.40 43.11
C VAL A 271 -3.16 1.90 42.89
N ALA A 272 -2.46 2.43 41.89
CA ALA A 272 -2.43 3.86 41.64
C ALA A 272 -3.56 4.24 40.69
N MET A 273 -4.09 5.46 40.86
CA MET A 273 -5.19 5.94 40.03
C MET A 273 -4.68 6.66 38.80
N LEU A 274 -3.55 7.37 38.95
CA LEU A 274 -2.95 8.17 37.88
C LEU A 274 -1.50 7.78 37.65
N HIS A 275 -1.05 7.85 36.40
CA HIS A 275 0.34 7.57 36.01
C HIS A 275 1.34 8.07 37.06
N ASP A 276 1.28 9.36 37.41
CA ASP A 276 2.32 9.97 38.23
C ASP A 276 2.32 9.41 39.64
N GLN A 277 1.18 8.97 40.15
CA GLN A 277 1.09 8.53 41.53
C GLN A 277 1.99 7.33 41.76
N GLY A 278 2.07 6.47 40.75
CA GLY A 278 2.83 5.23 40.83
C GLY A 278 4.24 5.39 40.24
N HIS A 279 4.40 6.29 39.28
CA HIS A 279 5.66 6.44 38.57
C HIS A 279 6.65 7.23 39.44
N ILE A 280 6.18 8.22 40.21
CA ILE A 280 7.08 9.05 41.02
C ILE A 280 7.87 8.20 42.03
N PRO A 281 7.21 7.39 42.88
CA PRO A 281 7.94 6.61 43.88
C PRO A 281 8.91 5.61 43.27
N ILE A 282 8.50 5.00 42.14
CA ILE A 282 9.23 3.92 41.51
C ILE A 282 10.55 4.46 40.99
N LYS A 283 10.49 5.58 40.24
CA LYS A 283 11.71 6.08 39.61
C LYS A 283 12.61 6.74 40.65
N LEU A 284 12.08 7.07 41.83
CA LEU A 284 12.87 7.72 42.87
C LEU A 284 13.72 6.69 43.59
N LEU A 285 13.12 5.53 43.90
CA LEU A 285 13.77 4.50 44.70
C LEU A 285 14.57 3.57 43.80
N ALA A 286 14.11 3.36 42.56
CA ALA A 286 14.75 2.47 41.60
C ALA A 286 14.96 3.22 40.29
N PRO A 287 15.77 4.30 40.30
CA PRO A 287 15.80 5.27 39.22
C PRO A 287 16.33 4.69 37.91
N ASN A 288 17.07 3.59 37.99
CA ASN A 288 17.52 2.94 36.77
C ASN A 288 16.59 1.76 36.48
N GLY A 289 16.68 0.78 37.39
CA GLY A 289 16.20 -0.57 37.12
C GLY A 289 14.81 -0.85 37.69
N ALA A 290 13.80 -0.28 37.02
CA ALA A 290 12.40 -0.61 37.27
C ALA A 290 11.84 -1.31 36.05
N SER A 291 11.13 -2.41 36.27
CA SER A 291 10.59 -3.20 35.18
C SER A 291 9.13 -2.83 34.98
N ALA A 292 8.71 -2.78 33.71
CA ALA A 292 7.40 -2.30 33.32
C ALA A 292 6.62 -3.48 32.75
N LEU A 293 5.66 -4.01 33.53
CA LEU A 293 4.90 -5.18 33.13
C LEU A 293 3.56 -4.71 32.57
N SER A 294 3.26 -5.06 31.32
CA SER A 294 1.92 -4.95 30.77
C SER A 294 1.17 -6.26 31.04
N ILE A 295 -0.01 -6.13 31.65
CA ILE A 295 -0.86 -7.25 32.05
C ILE A 295 -2.20 -7.14 31.33
N GLY A 296 -2.68 -8.28 30.83
CA GLY A 296 -3.95 -8.36 30.14
C GLY A 296 -4.26 -9.83 29.89
N GLY A 297 -5.44 -10.28 30.34
CA GLY A 297 -5.72 -11.71 30.43
C GLY A 297 -4.60 -12.38 31.22
N ARG A 298 -4.16 -13.56 30.75
CA ARG A 298 -3.12 -14.33 31.42
C ARG A 298 -1.72 -13.88 30.99
N VAL A 299 -1.63 -12.92 30.07
CA VAL A 299 -0.36 -12.57 29.47
C VAL A 299 0.30 -11.44 30.25
N VAL A 300 1.53 -11.67 30.70
CA VAL A 300 2.32 -10.67 31.37
C VAL A 300 3.57 -10.39 30.52
N LEU A 301 3.68 -9.17 29.97
CA LEU A 301 4.80 -8.82 29.11
C LEU A 301 5.64 -7.73 29.77
N SER A 302 6.94 -7.96 29.92
CA SER A 302 7.85 -6.95 30.44
C SER A 302 8.82 -6.47 29.38
N SER A 303 8.98 -5.16 29.29
CA SER A 303 10.07 -4.56 28.55
C SER A 303 11.33 -4.69 29.39
N VAL A 304 12.49 -4.55 28.72
CA VAL A 304 13.71 -4.17 29.40
C VAL A 304 13.63 -2.66 29.61
N GLY A 305 14.36 -2.11 30.59
CA GLY A 305 14.20 -0.70 30.91
C GLY A 305 15.16 0.20 30.15
N HIS A 306 15.38 -0.07 28.86
CA HIS A 306 16.32 0.74 28.08
C HIS A 306 15.99 0.61 26.59
N GLY A 307 16.64 1.45 25.77
CA GLY A 307 16.30 1.57 24.36
C GLY A 307 17.09 0.62 23.49
N SER A 308 16.88 0.71 22.17
CA SER A 308 17.48 -0.19 21.21
C SER A 308 18.97 0.14 21.00
N ALA A 309 19.40 1.34 21.41
CA ALA A 309 20.80 1.74 21.42
C ALA A 309 21.45 1.58 20.06
N MET A 310 20.83 2.19 19.04
CA MET A 310 21.25 2.02 17.67
C MET A 310 22.69 2.47 17.48
N ASP A 311 23.15 3.42 18.31
CA ASP A 311 24.52 3.92 18.26
C ASP A 311 25.54 2.80 18.41
N ILE A 312 25.25 1.81 19.28
CA ILE A 312 26.22 0.80 19.68
C ILE A 312 25.86 -0.58 19.14
N ALA A 313 24.74 -0.66 18.40
CA ALA A 313 24.31 -1.93 17.85
C ALA A 313 25.39 -2.50 16.94
N GLY A 314 25.72 -3.78 17.16
CA GLY A 314 26.74 -4.44 16.37
C GLY A 314 28.15 -4.22 16.93
N ARG A 315 28.29 -3.32 17.91
CA ARG A 315 29.60 -2.99 18.48
C ARG A 315 29.90 -3.91 19.67
N GLY A 316 28.87 -4.54 20.26
CA GLY A 316 29.06 -5.65 21.17
C GLY A 316 29.51 -5.19 22.55
N VAL A 317 28.97 -4.06 23.03
CA VAL A 317 29.36 -3.51 24.32
C VAL A 317 28.13 -3.23 25.18
N ALA A 318 26.99 -3.87 24.85
CA ALA A 318 25.74 -3.62 25.56
C ALA A 318 25.59 -4.58 26.74
N ASP A 319 24.94 -4.08 27.80
CA ASP A 319 24.83 -4.76 29.08
C ASP A 319 23.51 -5.53 29.15
N ALA A 320 23.59 -6.81 29.57
CA ALA A 320 22.42 -7.65 29.68
C ALA A 320 21.79 -7.54 31.07
N THR A 321 22.41 -6.77 31.97
CA THR A 321 21.98 -6.71 33.37
C THR A 321 20.47 -6.43 33.44
N ALA A 322 20.01 -5.43 32.69
CA ALA A 322 18.60 -5.05 32.73
C ALA A 322 17.75 -6.22 32.25
N LEU A 323 18.22 -6.91 31.20
CA LEU A 323 17.52 -8.07 30.72
C LEU A 323 17.51 -9.16 31.80
N LEU A 324 18.66 -9.47 32.39
CA LEU A 324 18.77 -10.52 33.39
C LEU A 324 17.88 -10.23 34.59
N ARG A 325 17.79 -8.94 34.97
CA ARG A 325 16.98 -8.53 36.10
C ARG A 325 15.53 -8.86 35.83
N THR A 326 15.10 -8.67 34.57
CA THR A 326 13.73 -8.87 34.13
C THR A 326 13.40 -10.35 34.12
N ILE A 327 14.35 -11.18 33.67
CA ILE A 327 14.20 -12.62 33.66
C ILE A 327 14.06 -13.10 35.11
N ALA A 328 14.90 -12.57 36.01
CA ALA A 328 14.87 -12.96 37.41
C ALA A 328 13.50 -12.65 38.01
N LEU A 329 12.90 -11.54 37.55
CA LEU A 329 11.65 -11.06 38.09
C LEU A 329 10.47 -11.93 37.64
N LEU A 330 10.36 -12.14 36.32
CA LEU A 330 9.27 -12.91 35.77
C LEU A 330 9.49 -14.42 35.92
N GLY A 331 10.63 -14.84 36.47
CA GLY A 331 11.00 -16.25 36.53
C GLY A 331 11.23 -16.72 37.95
N ALA A 332 10.79 -15.97 38.96
CA ALA A 332 10.89 -16.50 40.32
C ALA A 332 9.70 -17.43 40.57
N GLN A 333 9.66 -18.05 41.77
CA GLN A 333 8.62 -19.01 42.14
C GLN A 333 7.81 -18.47 43.33
N THR B 22 -15.80 16.47 18.46
CA THR B 22 -14.68 17.35 18.84
C THR B 22 -13.69 17.40 17.68
N ILE B 23 -13.39 18.62 17.22
CA ILE B 23 -12.56 18.79 16.04
C ILE B 23 -11.36 19.70 16.34
N VAL B 24 -11.36 20.37 17.49
CA VAL B 24 -10.30 21.31 17.86
C VAL B 24 -9.46 20.72 18.99
N HIS B 25 -8.23 20.30 18.68
CA HIS B 25 -7.40 19.61 19.64
C HIS B 25 -6.15 20.44 19.96
N ARG B 26 -6.22 21.76 19.70
CA ARG B 26 -5.10 22.65 19.96
C ARG B 26 -5.48 24.12 19.83
N ARG B 27 -4.60 24.98 20.36
CA ARG B 27 -4.80 26.42 20.41
C ARG B 27 -4.67 26.99 19.00
N LEU B 28 -5.61 27.84 18.60
CA LEU B 28 -5.57 28.47 17.28
C LEU B 28 -5.84 29.97 17.39
N ALA B 29 -5.22 30.73 16.50
CA ALA B 29 -5.59 32.12 16.26
C ALA B 29 -6.49 32.15 15.04
N LEU B 30 -7.54 32.97 15.11
CA LEU B 30 -8.46 33.19 14.01
C LEU B 30 -8.53 34.69 13.76
N ALA B 31 -7.87 35.14 12.68
CA ALA B 31 -8.02 36.50 12.20
C ALA B 31 -9.28 36.58 11.36
N ILE B 32 -10.11 37.59 11.63
CA ILE B 32 -11.44 37.66 11.04
C ILE B 32 -11.38 38.28 9.64
N GLY B 33 -10.20 38.57 9.10
CA GLY B 33 -10.09 39.04 7.73
C GLY B 33 -10.80 40.39 7.56
N ASP B 34 -11.27 40.66 6.34
CA ASP B 34 -11.83 41.96 6.03
C ASP B 34 -13.11 42.17 6.83
N PRO B 35 -13.16 43.20 7.71
CA PRO B 35 -14.27 43.38 8.65
C PRO B 35 -15.56 43.86 8.01
N HIS B 36 -15.50 44.17 6.72
CA HIS B 36 -16.66 44.55 5.93
C HIS B 36 -17.19 43.35 5.13
N GLY B 37 -16.40 42.27 5.08
CA GLY B 37 -16.79 41.07 4.35
C GLY B 37 -17.51 40.09 5.25
N ILE B 38 -17.56 38.83 4.82
CA ILE B 38 -18.28 37.80 5.55
C ILE B 38 -17.42 37.26 6.69
N GLY B 39 -16.15 37.65 6.74
CA GLY B 39 -15.21 37.07 7.67
C GLY B 39 -15.72 37.08 9.11
N PRO B 40 -16.08 38.26 9.66
CA PRO B 40 -16.63 38.33 11.02
C PRO B 40 -17.81 37.39 11.26
N GLU B 41 -18.72 37.32 10.29
CA GLU B 41 -19.95 36.56 10.41
C GLU B 41 -19.66 35.05 10.48
N ILE B 42 -18.81 34.57 9.55
CA ILE B 42 -18.47 33.14 9.51
C ILE B 42 -17.62 32.79 10.73
N ALA B 43 -16.80 33.72 11.23
CA ALA B 43 -16.07 33.50 12.47
C ALA B 43 -17.04 33.13 13.59
N LEU B 44 -18.07 33.97 13.77
CA LEU B 44 -19.06 33.76 14.82
C LEU B 44 -19.82 32.45 14.56
N LYS B 45 -20.20 32.18 13.31
CA LYS B 45 -21.06 31.05 13.00
C LYS B 45 -20.31 29.73 13.15
N ALA B 46 -19.00 29.74 12.88
CA ALA B 46 -18.15 28.58 13.11
C ALA B 46 -17.99 28.30 14.61
N LEU B 47 -17.65 29.34 15.37
CA LEU B 47 -17.42 29.22 16.81
C LEU B 47 -18.71 28.79 17.52
N GLN B 48 -19.85 29.33 17.08
CA GLN B 48 -21.15 28.98 17.60
C GLN B 48 -21.33 27.47 17.67
N GLN B 49 -20.79 26.73 16.67
CA GLN B 49 -21.10 25.32 16.52
C GLN B 49 -20.15 24.43 17.31
N LEU B 50 -19.14 25.01 17.95
CA LEU B 50 -18.17 24.23 18.71
C LEU B 50 -18.66 24.14 20.16
N SER B 51 -17.95 23.35 20.97
CA SER B 51 -18.25 23.27 22.39
C SER B 51 -17.64 24.47 23.11
N ALA B 52 -17.94 24.60 24.40
CA ALA B 52 -17.32 25.63 25.23
C ALA B 52 -15.81 25.42 25.26
N THR B 53 -15.41 24.14 25.46
CA THR B 53 -14.01 23.74 25.50
C THR B 53 -13.30 24.15 24.22
N GLU B 54 -13.87 23.79 23.07
CA GLU B 54 -13.26 24.07 21.78
C GLU B 54 -13.10 25.58 21.57
N ARG B 55 -14.10 26.34 21.98
CA ARG B 55 -14.14 27.78 21.76
C ARG B 55 -13.06 28.51 22.54
N SER B 56 -12.65 27.92 23.68
CA SER B 56 -11.65 28.55 24.52
C SER B 56 -10.25 28.29 23.98
N LEU B 57 -10.13 27.37 23.01
CA LEU B 57 -8.86 27.08 22.36
C LEU B 57 -8.62 28.01 21.18
N ILE B 58 -9.64 28.74 20.74
CA ILE B 58 -9.54 29.65 19.61
C ILE B 58 -9.56 31.10 20.08
N LYS B 59 -8.47 31.82 19.82
CA LYS B 59 -8.39 33.23 20.15
C LYS B 59 -8.59 34.06 18.88
N VAL B 60 -9.54 35.01 18.93
CA VAL B 60 -10.00 35.76 17.77
C VAL B 60 -9.34 37.14 17.70
N TYR B 61 -8.69 37.41 16.57
CA TYR B 61 -7.99 38.67 16.34
C TYR B 61 -8.79 39.49 15.34
N GLY B 62 -9.04 40.77 15.66
CA GLY B 62 -9.83 41.62 14.80
C GLY B 62 -10.55 42.72 15.58
N PRO B 63 -11.19 43.68 14.88
CA PRO B 63 -11.86 44.80 15.54
C PRO B 63 -13.14 44.31 16.19
N TRP B 64 -13.35 44.72 17.44
CA TRP B 64 -14.49 44.25 18.20
C TRP B 64 -15.79 44.81 17.62
N SER B 65 -15.71 46.01 17.02
CA SER B 65 -16.87 46.64 16.42
C SER B 65 -17.47 45.73 15.33
N ALA B 66 -16.61 45.06 14.57
CA ALA B 66 -17.07 44.23 13.46
C ALA B 66 -17.75 42.98 14.00
N LEU B 67 -17.25 42.46 15.12
CA LEU B 67 -17.81 41.26 15.71
C LEU B 67 -19.14 41.59 16.37
N GLU B 68 -19.27 42.81 16.91
CA GLU B 68 -20.52 43.30 17.48
C GLU B 68 -21.59 43.45 16.39
N GLN B 69 -21.17 44.01 15.26
CA GLN B 69 -22.02 44.14 14.07
C GLN B 69 -22.58 42.78 13.71
N ALA B 70 -21.69 41.81 13.46
CA ALA B 70 -22.10 40.48 12.99
C ALA B 70 -22.93 39.76 14.05
N ALA B 71 -22.78 40.15 15.32
CA ALA B 71 -23.57 39.55 16.41
C ALA B 71 -25.02 40.04 16.35
N GLN B 72 -25.24 41.34 16.13
CA GLN B 72 -26.57 41.89 15.94
C GLN B 72 -27.32 41.16 14.83
N ILE B 73 -26.68 41.09 13.66
CA ILE B 73 -27.31 40.63 12.44
C ILE B 73 -27.69 39.15 12.56
N CYS B 74 -26.73 38.31 12.97
CA CYS B 74 -26.93 36.87 13.10
C CYS B 74 -27.59 36.51 14.44
N GLN B 75 -27.69 37.48 15.35
CA GLN B 75 -28.40 37.33 16.62
C GLN B 75 -27.67 36.36 17.54
N MET B 76 -26.37 36.64 17.73
CA MET B 76 -25.50 35.78 18.51
C MET B 76 -24.73 36.63 19.54
N GLU B 77 -25.42 37.58 20.17
CA GLU B 77 -24.78 38.47 21.14
C GLU B 77 -24.29 37.63 22.33
N SER B 78 -25.06 36.58 22.69
CA SER B 78 -24.70 35.77 23.85
C SER B 78 -23.30 35.18 23.66
N LEU B 79 -22.92 34.91 22.41
CA LEU B 79 -21.69 34.20 22.10
C LEU B 79 -20.45 35.05 22.40
N LEU B 80 -20.55 36.40 22.27
CA LEU B 80 -19.40 37.27 22.41
C LEU B 80 -18.80 37.16 23.82
N GLN B 81 -19.68 36.98 24.81
CA GLN B 81 -19.27 36.80 26.19
C GLN B 81 -18.19 35.73 26.29
N ASP B 82 -18.42 34.58 25.65
CA ASP B 82 -17.57 33.40 25.80
C ASP B 82 -16.27 33.49 24.99
N LEU B 83 -16.13 34.51 24.14
CA LEU B 83 -15.09 34.47 23.12
C LEU B 83 -13.78 34.96 23.71
N ILE B 84 -12.69 34.25 23.37
CA ILE B 84 -11.36 34.78 23.70
C ILE B 84 -10.98 35.71 22.55
N HIS B 85 -10.58 36.95 22.89
CA HIS B 85 -10.43 38.00 21.90
C HIS B 85 -9.26 38.94 22.22
N GLU B 86 -8.61 39.41 21.16
CA GLU B 86 -7.63 40.48 21.22
C GLU B 86 -7.98 41.50 20.13
N GLU B 87 -8.16 42.76 20.52
CA GLU B 87 -8.41 43.83 19.57
C GLU B 87 -7.22 43.96 18.62
N ALA B 88 -7.50 43.85 17.31
CA ALA B 88 -6.54 44.18 16.27
C ALA B 88 -7.25 44.83 15.10
N GLY B 89 -6.56 45.77 14.44
CA GLY B 89 -7.09 46.39 13.25
C GLY B 89 -8.37 47.16 13.55
N SER B 90 -8.31 47.98 14.60
CA SER B 90 -9.46 48.74 15.05
C SER B 90 -9.96 49.63 13.91
N LEU B 91 -11.26 49.90 13.90
CA LEU B 91 -11.87 50.79 12.92
C LEU B 91 -12.15 52.17 13.51
N ALA B 92 -12.04 53.20 12.68
CA ALA B 92 -12.19 54.59 13.08
C ALA B 92 -13.59 55.13 12.77
N GLN B 93 -14.43 54.28 12.17
CA GLN B 93 -15.77 54.67 11.79
C GLN B 93 -16.68 53.45 11.90
N PRO B 94 -18.02 53.64 11.87
CA PRO B 94 -18.94 52.50 11.75
C PRO B 94 -18.54 51.50 10.68
N VAL B 95 -18.92 50.24 10.91
CA VAL B 95 -18.65 49.17 9.97
C VAL B 95 -19.60 49.37 8.80
N GLN B 96 -19.11 49.13 7.58
CA GLN B 96 -19.92 49.28 6.38
C GLN B 96 -19.92 47.93 5.65
N CYS B 97 -20.83 47.04 6.05
CA CYS B 97 -20.91 45.73 5.44
C CYS B 97 -21.11 45.87 3.94
N GLY B 98 -20.28 45.17 3.15
CA GLY B 98 -20.42 45.17 1.71
C GLY B 98 -19.46 46.16 1.03
N GLU B 99 -19.05 47.21 1.73
CA GLU B 99 -18.23 48.27 1.15
C GLU B 99 -16.75 47.92 1.19
N ILE B 100 -16.04 48.23 0.11
CA ILE B 100 -14.59 48.15 0.01
C ILE B 100 -14.00 49.49 0.46
N THR B 101 -13.23 49.50 1.55
CA THR B 101 -12.64 50.73 2.06
C THR B 101 -11.21 50.47 2.52
N PRO B 102 -10.28 51.46 2.37
CA PRO B 102 -8.88 51.26 2.73
C PRO B 102 -8.72 50.90 4.21
N GLN B 103 -9.62 51.40 5.06
CA GLN B 103 -9.54 51.13 6.49
C GLN B 103 -9.76 49.64 6.74
N ALA B 104 -10.75 49.06 6.05
CA ALA B 104 -10.99 47.62 6.13
C ALA B 104 -9.77 46.85 5.65
N GLY B 105 -9.07 47.42 4.67
CA GLY B 105 -7.86 46.81 4.12
C GLY B 105 -6.75 46.72 5.16
N LEU B 106 -6.47 47.86 5.80
CA LEU B 106 -5.52 47.90 6.89
C LEU B 106 -5.92 46.93 8.01
N SER B 107 -7.19 47.00 8.41
CA SER B 107 -7.74 46.15 9.45
C SER B 107 -7.37 44.68 9.18
N THR B 108 -7.57 44.23 7.94
CA THR B 108 -7.29 42.87 7.52
C THR B 108 -5.85 42.50 7.84
N VAL B 109 -4.92 43.33 7.38
CA VAL B 109 -3.50 43.01 7.49
C VAL B 109 -3.05 43.05 8.95
N GLN B 110 -3.68 43.92 9.75
CA GLN B 110 -3.29 44.08 11.15
C GLN B 110 -3.72 42.85 11.95
N SER B 111 -4.93 42.37 11.67
CA SER B 111 -5.51 41.21 12.35
C SER B 111 -4.68 39.97 12.06
N ALA B 112 -4.38 39.77 10.77
CA ALA B 112 -3.56 38.64 10.35
C ALA B 112 -2.18 38.71 10.99
N THR B 113 -1.64 39.93 11.10
CA THR B 113 -0.31 40.15 11.66
C THR B 113 -0.33 39.85 13.16
N ALA B 114 -1.36 40.36 13.85
CA ALA B 114 -1.54 40.07 15.26
C ALA B 114 -1.59 38.56 15.48
N ALA B 115 -2.36 37.86 14.63
CA ALA B 115 -2.53 36.43 14.75
C ALA B 115 -1.21 35.71 14.48
N ILE B 116 -0.49 36.13 13.44
CA ILE B 116 0.76 35.50 13.05
C ILE B 116 1.77 35.61 14.18
N ARG B 117 1.78 36.76 14.89
CA ARG B 117 2.75 37.04 15.93
C ARG B 117 2.44 36.20 17.16
N ALA B 118 1.16 35.92 17.39
CA ALA B 118 0.74 35.07 18.50
C ALA B 118 1.25 33.64 18.26
N CYS B 119 1.30 33.24 16.99
CA CYS B 119 1.81 31.93 16.63
C CYS B 119 3.34 31.92 16.73
N GLU B 120 3.97 33.01 16.25
CA GLU B 120 5.42 33.15 16.35
C GLU B 120 5.86 33.04 17.81
N SER B 121 5.16 33.75 18.71
CA SER B 121 5.53 33.82 20.11
C SER B 121 5.24 32.51 20.85
N GLY B 122 4.37 31.66 20.29
CA GLY B 122 4.06 30.38 20.90
C GLY B 122 2.75 30.39 21.67
N GLU B 123 2.04 31.51 21.62
CA GLU B 123 0.80 31.61 22.36
C GLU B 123 -0.25 30.69 21.72
N VAL B 124 -0.20 30.54 20.38
CA VAL B 124 -1.03 29.58 19.68
C VAL B 124 -0.13 28.71 18.79
N ASP B 125 -0.72 27.66 18.22
CA ASP B 125 0.02 26.63 17.53
C ASP B 125 -0.17 26.72 16.02
N ALA B 126 -1.20 27.43 15.56
CA ALA B 126 -1.40 27.69 14.15
C ALA B 126 -2.40 28.83 13.99
N VAL B 127 -2.55 29.32 12.75
CA VAL B 127 -3.36 30.49 12.46
C VAL B 127 -4.32 30.19 11.31
N ILE B 128 -5.55 30.70 11.41
CA ILE B 128 -6.51 30.65 10.33
C ILE B 128 -6.89 32.08 9.98
N ALA B 129 -6.87 32.41 8.68
CA ALA B 129 -7.29 33.73 8.20
C ALA B 129 -8.61 33.65 7.44
N CYS B 130 -9.62 34.37 7.95
CA CYS B 130 -10.86 34.55 7.22
C CYS B 130 -10.56 35.44 6.01
N PRO B 131 -11.47 35.52 5.03
CA PRO B 131 -11.16 36.16 3.75
C PRO B 131 -10.81 37.64 3.76
N HIS B 132 -9.81 38.01 2.95
CA HIS B 132 -9.42 39.40 2.73
C HIS B 132 -10.08 39.93 1.46
N HIS B 133 -9.93 41.24 1.20
CA HIS B 133 -10.24 41.82 -0.09
C HIS B 133 -9.03 42.60 -0.59
N GLU B 134 -8.49 42.19 -1.75
CA GLU B 134 -7.20 42.70 -2.21
C GLU B 134 -7.30 44.18 -2.60
N THR B 135 -8.41 44.58 -3.24
CA THR B 135 -8.57 45.97 -3.63
C THR B 135 -8.45 46.83 -2.38
N ALA B 136 -9.12 46.38 -1.32
CA ALA B 136 -9.16 47.10 -0.05
C ALA B 136 -7.74 47.29 0.44
N ILE B 137 -6.96 46.20 0.45
CA ILE B 137 -5.61 46.25 0.97
C ILE B 137 -4.77 47.17 0.10
N HIS B 138 -4.99 47.13 -1.21
CA HIS B 138 -4.16 47.90 -2.13
C HIS B 138 -4.43 49.39 -1.95
N ARG B 139 -5.71 49.74 -1.73
CA ARG B 139 -6.10 51.15 -1.57
C ARG B 139 -5.59 51.71 -0.24
N ALA B 140 -5.23 50.84 0.69
CA ALA B 140 -4.61 51.27 1.94
C ALA B 140 -3.13 51.56 1.72
N GLY B 141 -2.63 51.30 0.50
CA GLY B 141 -1.25 51.55 0.17
C GLY B 141 -0.34 50.44 0.68
N ILE B 142 -0.86 49.21 0.80
CA ILE B 142 -0.09 48.09 1.32
C ILE B 142 0.18 47.07 0.21
N ALA B 143 1.46 46.69 0.11
CA ALA B 143 1.89 45.63 -0.80
C ALA B 143 1.46 44.26 -0.24
N PHE B 144 0.60 43.55 -0.98
CA PHE B 144 0.13 42.25 -0.56
C PHE B 144 -0.04 41.38 -1.81
N SER B 145 0.76 40.30 -1.87
CA SER B 145 0.77 39.36 -2.99
C SER B 145 0.48 37.95 -2.50
N GLY B 146 -0.42 37.81 -1.52
CA GLY B 146 -0.77 36.50 -0.95
C GLY B 146 -0.22 36.33 0.46
N TYR B 147 -0.69 35.27 1.15
CA TYR B 147 -0.35 35.02 2.54
C TYR B 147 1.10 34.55 2.68
N PRO B 148 1.65 33.76 1.72
CA PRO B 148 3.07 33.41 1.76
C PRO B 148 3.96 34.64 1.95
N SER B 149 3.67 35.68 1.17
CA SER B 149 4.40 36.94 1.19
C SER B 149 4.29 37.60 2.57
N LEU B 150 3.05 37.81 3.00
CA LEU B 150 2.77 38.49 4.25
C LEU B 150 3.56 37.83 5.37
N LEU B 151 3.46 36.50 5.41
CA LEU B 151 4.05 35.70 6.47
C LEU B 151 5.55 35.98 6.58
N ALA B 152 6.22 36.06 5.41
CA ALA B 152 7.66 36.27 5.34
C ALA B 152 8.04 37.65 5.88
N ASN B 153 7.38 38.69 5.34
CA ASN B 153 7.63 40.07 5.75
C ASN B 153 7.46 40.21 7.26
N VAL B 154 6.42 39.59 7.81
CA VAL B 154 6.10 39.76 9.24
C VAL B 154 7.14 39.04 10.10
N LEU B 155 7.58 37.86 9.66
CA LEU B 155 8.49 37.01 10.42
C LEU B 155 9.95 37.40 10.18
N GLY B 156 10.22 38.20 9.14
CA GLY B 156 11.58 38.60 8.83
C GLY B 156 12.35 37.50 8.10
N MET B 157 11.72 36.91 7.07
CA MET B 157 12.28 35.84 6.27
C MET B 157 12.18 36.20 4.80
N ASN B 158 13.06 35.59 3.98
CA ASN B 158 12.93 35.68 2.54
C ASN B 158 11.68 34.93 2.11
N GLU B 159 11.01 35.46 1.07
CA GLU B 159 9.73 34.96 0.62
C GLU B 159 9.89 33.54 0.08
N ASP B 160 11.10 33.20 -0.37
CA ASP B 160 11.39 31.89 -0.93
C ASP B 160 11.61 30.84 0.16
N GLU B 161 11.76 31.27 1.43
CA GLU B 161 11.88 30.37 2.58
C GLU B 161 10.51 30.08 3.21
N VAL B 162 9.45 30.62 2.60
CA VAL B 162 8.08 30.32 2.96
C VAL B 162 7.45 29.58 1.77
N PHE B 163 6.83 28.44 2.10
CA PHE B 163 6.31 27.53 1.10
C PHE B 163 4.79 27.48 1.26
N LEU B 164 4.12 27.08 0.18
CA LEU B 164 2.68 26.86 0.19
C LEU B 164 2.39 25.38 0.04
N MET B 165 1.65 24.82 1.00
CA MET B 165 1.14 23.47 0.91
C MET B 165 -0.37 23.54 0.64
N LEU B 166 -0.83 22.89 -0.43
CA LEU B 166 -2.26 22.73 -0.66
C LEU B 166 -2.68 21.39 -0.09
N VAL B 167 -3.88 21.38 0.50
CA VAL B 167 -4.43 20.21 1.18
C VAL B 167 -5.88 20.06 0.74
N GLY B 168 -6.25 18.87 0.31
CA GLY B 168 -7.58 18.61 -0.21
C GLY B 168 -7.69 17.19 -0.75
N ALA B 169 -8.79 16.51 -0.37
CA ALA B 169 -9.11 15.17 -0.82
C ALA B 169 -7.98 14.18 -0.49
N GLY B 170 -7.45 14.24 0.75
CA GLY B 170 -6.42 13.31 1.19
C GLY B 170 -5.02 13.68 0.72
N LEU B 171 -4.89 14.59 -0.24
CA LEU B 171 -3.61 14.97 -0.82
C LEU B 171 -3.01 16.16 -0.07
N ARG B 172 -1.71 16.07 0.20
CA ARG B 172 -0.93 17.18 0.73
C ARG B 172 0.24 17.39 -0.21
N ILE B 173 0.34 18.58 -0.80
CA ILE B 173 1.40 18.89 -1.74
C ILE B 173 2.05 20.23 -1.40
N VAL B 174 3.27 20.18 -0.83
CA VAL B 174 4.09 21.39 -0.64
C VAL B 174 4.74 21.71 -1.98
N HIS B 175 4.88 22.99 -2.31
CA HIS B 175 5.50 23.42 -3.54
C HIS B 175 6.84 24.07 -3.22
N VAL B 176 7.89 23.73 -3.96
CA VAL B 176 9.22 24.23 -3.66
C VAL B 176 9.38 25.61 -4.31
N THR B 177 8.78 25.78 -5.50
CA THR B 177 8.60 27.09 -6.12
C THR B 177 7.11 27.32 -6.30
N LEU B 178 6.72 28.57 -6.55
CA LEU B 178 5.30 28.91 -6.60
C LEU B 178 5.06 29.94 -7.68
N HIS B 179 4.81 31.19 -7.30
CA HIS B 179 4.21 32.16 -8.20
C HIS B 179 5.34 32.87 -8.93
N GLU B 180 5.99 32.17 -9.86
CA GLU B 180 7.00 32.72 -10.74
C GLU B 180 6.98 31.96 -12.06
N SER B 181 7.64 32.48 -13.09
CA SER B 181 7.67 31.82 -14.39
C SER B 181 8.38 30.49 -14.24
N VAL B 182 8.08 29.53 -15.13
CA VAL B 182 8.62 28.19 -15.07
C VAL B 182 10.14 28.27 -15.17
N ARG B 183 10.62 29.08 -16.11
CA ARG B 183 12.05 29.27 -16.32
C ARG B 183 12.68 29.83 -15.03
N SER B 184 12.09 30.89 -14.50
CA SER B 184 12.56 31.52 -13.27
C SER B 184 12.66 30.54 -12.11
N ALA B 185 11.73 29.57 -12.06
CA ALA B 185 11.69 28.53 -11.04
C ALA B 185 12.83 27.53 -11.21
N LEU B 186 13.09 27.12 -12.46
CA LEU B 186 14.18 26.21 -12.76
C LEU B 186 15.52 26.86 -12.39
N GLU B 187 15.66 28.17 -12.69
CA GLU B 187 16.87 28.92 -12.36
C GLU B 187 17.10 28.83 -10.84
N ARG B 188 16.02 28.86 -10.06
CA ARG B 188 16.08 29.00 -8.61
C ARG B 188 16.22 27.63 -7.92
N LEU B 189 15.78 26.55 -8.57
CA LEU B 189 15.75 25.24 -7.92
C LEU B 189 17.17 24.84 -7.53
N SER B 190 17.31 24.29 -6.32
CA SER B 190 18.58 23.83 -5.81
C SER B 190 18.33 22.67 -4.85
N PRO B 191 19.35 21.83 -4.56
CA PRO B 191 19.22 20.83 -3.50
C PRO B 191 18.72 21.40 -2.18
N GLN B 192 19.23 22.58 -1.77
CA GLN B 192 18.89 23.19 -0.49
C GLN B 192 17.41 23.61 -0.51
N LEU B 193 16.97 24.24 -1.60
CA LEU B 193 15.61 24.75 -1.65
C LEU B 193 14.63 23.60 -1.46
N VAL B 194 14.91 22.45 -2.06
CA VAL B 194 14.05 21.30 -1.94
C VAL B 194 14.06 20.79 -0.50
N ILE B 195 15.26 20.62 0.06
CA ILE B 195 15.42 20.16 1.44
C ILE B 195 14.57 21.03 2.36
N ASN B 196 14.66 22.37 2.17
CA ASN B 196 13.95 23.34 2.97
C ASN B 196 12.44 23.09 2.91
N ALA B 197 11.92 22.85 1.70
CA ALA B 197 10.50 22.66 1.49
C ALA B 197 10.02 21.42 2.24
N VAL B 198 10.80 20.35 2.18
CA VAL B 198 10.43 19.10 2.81
C VAL B 198 10.45 19.26 4.33
N ASP B 199 11.51 19.90 4.87
CA ASP B 199 11.62 20.13 6.30
C ASP B 199 10.44 20.96 6.81
N ALA B 200 10.05 22.00 6.04
CA ALA B 200 8.91 22.83 6.39
C ALA B 200 7.61 22.01 6.36
N ALA B 201 7.42 21.22 5.29
CA ALA B 201 6.21 20.42 5.12
C ALA B 201 6.11 19.31 6.18
N VAL B 202 7.25 18.73 6.57
CA VAL B 202 7.25 17.63 7.52
C VAL B 202 6.81 18.15 8.89
N GLN B 203 7.44 19.24 9.34
CA GLN B 203 7.05 19.92 10.56
C GLN B 203 5.53 20.17 10.52
N THR B 204 5.03 20.67 9.38
CA THR B 204 3.63 20.99 9.20
C THR B 204 2.75 19.73 9.27
N CYS B 205 3.29 18.59 8.78
CA CYS B 205 2.54 17.34 8.79
C CYS B 205 2.29 16.87 10.23
N THR B 206 3.25 17.13 11.13
CA THR B 206 3.07 16.84 12.55
C THR B 206 1.81 17.52 13.08
N LEU B 207 1.64 18.80 12.73
CA LEU B 207 0.48 19.58 13.13
C LEU B 207 -0.80 18.95 12.59
N LEU B 208 -0.76 18.47 11.34
CA LEU B 208 -1.96 18.02 10.64
C LEU B 208 -2.40 16.64 11.11
N GLY B 209 -1.54 15.95 11.89
CA GLY B 209 -1.90 14.72 12.57
C GLY B 209 -1.22 13.49 11.96
N VAL B 210 -0.16 13.73 11.17
CA VAL B 210 0.63 12.67 10.56
C VAL B 210 2.08 12.84 10.98
N PRO B 211 2.49 12.36 12.19
CA PRO B 211 3.83 12.63 12.71
C PRO B 211 4.98 12.24 11.77
N LYS B 212 5.00 10.97 11.34
CA LYS B 212 6.13 10.38 10.65
C LYS B 212 5.67 9.96 9.25
N PRO B 213 5.64 10.89 8.28
CA PRO B 213 5.00 10.65 6.99
C PRO B 213 5.83 9.96 5.93
N GLN B 214 5.12 9.31 4.99
CA GLN B 214 5.71 8.87 3.74
C GLN B 214 5.80 10.07 2.79
N VAL B 215 7.01 10.35 2.26
CA VAL B 215 7.23 11.50 1.41
C VAL B 215 7.62 11.07 0.01
N ALA B 216 6.99 11.69 -1.00
CA ALA B 216 7.34 11.49 -2.40
C ALA B 216 7.75 12.83 -3.01
N VAL B 217 8.90 12.83 -3.70
CA VAL B 217 9.40 14.01 -4.37
C VAL B 217 9.17 13.86 -5.87
N PHE B 218 8.41 14.82 -6.43
CA PHE B 218 8.18 14.90 -7.87
C PHE B 218 9.48 15.20 -8.59
N GLY B 219 9.60 14.65 -9.80
CA GLY B 219 10.65 15.04 -10.73
C GLY B 219 10.39 16.43 -11.32
N ILE B 220 11.47 17.14 -11.62
CA ILE B 220 11.40 18.40 -12.34
C ILE B 220 10.93 18.11 -13.76
N ASN B 221 11.60 17.15 -14.40
CA ASN B 221 11.30 16.81 -15.78
C ASN B 221 10.35 15.62 -15.83
N PRO B 222 9.64 15.42 -16.95
CA PRO B 222 8.84 14.21 -17.14
C PRO B 222 9.61 12.94 -16.79
N HIS B 223 8.91 12.02 -16.11
CA HIS B 223 9.43 10.71 -15.80
C HIS B 223 10.69 10.88 -14.91
N ALA B 224 10.75 12.00 -14.17
CA ALA B 224 11.89 12.40 -13.34
C ALA B 224 13.21 12.41 -14.11
N SER B 225 13.16 12.90 -15.36
CA SER B 225 14.32 13.01 -16.25
C SER B 225 14.67 11.69 -16.95
N GLU B 226 14.14 10.56 -16.45
CA GLU B 226 14.40 9.24 -17.01
C GLU B 226 15.90 8.94 -16.94
N GLY B 227 16.49 9.15 -15.76
CA GLY B 227 17.94 9.06 -15.55
C GLY B 227 18.80 9.83 -16.57
N GLN B 228 18.57 11.15 -16.70
CA GLN B 228 19.39 12.06 -17.47
C GLN B 228 18.96 12.14 -18.93
N LEU B 229 18.06 11.24 -19.37
CA LEU B 229 17.72 11.13 -20.77
C LEU B 229 16.87 12.33 -21.22
N PHE B 230 16.07 12.87 -20.29
CA PHE B 230 15.23 14.03 -20.55
C PHE B 230 15.66 15.22 -19.69
N GLY B 231 16.97 15.53 -19.71
CA GLY B 231 17.48 16.70 -19.01
C GLY B 231 18.29 16.30 -17.79
N LEU B 232 19.18 17.19 -17.38
CA LEU B 232 20.12 16.90 -16.31
C LEU B 232 19.61 17.36 -14.95
N GLU B 233 18.50 18.12 -14.92
CA GLU B 233 18.10 18.85 -13.72
C GLU B 233 17.89 17.89 -12.53
N ASP B 234 17.26 16.74 -12.75
CA ASP B 234 16.87 15.87 -11.65
C ASP B 234 18.09 15.21 -11.01
N SER B 235 19.13 14.93 -11.81
CA SER B 235 20.34 14.32 -11.27
C SER B 235 21.20 15.36 -10.56
N GLN B 236 20.92 16.66 -10.76
CA GLN B 236 21.68 17.72 -10.12
C GLN B 236 20.97 18.24 -8.87
N ILE B 237 19.65 18.04 -8.79
CA ILE B 237 18.84 18.76 -7.80
C ILE B 237 18.05 17.79 -6.94
N THR B 238 17.10 17.07 -7.52
CA THR B 238 16.19 16.25 -6.72
C THR B 238 16.91 15.02 -6.20
N VAL B 239 17.77 14.40 -7.02
CA VAL B 239 18.41 13.16 -6.61
C VAL B 239 19.34 13.46 -5.44
N PRO B 240 20.32 14.39 -5.54
CA PRO B 240 21.13 14.81 -4.39
C PRO B 240 20.34 15.22 -3.15
N ALA B 241 19.22 15.91 -3.32
CA ALA B 241 18.42 16.36 -2.19
C ALA B 241 17.86 15.18 -1.42
N VAL B 242 17.37 14.16 -2.15
CA VAL B 242 16.80 12.97 -1.55
C VAL B 242 17.88 12.17 -0.80
N GLU B 243 19.11 12.11 -1.34
CA GLU B 243 20.23 11.44 -0.67
C GLU B 243 20.63 12.17 0.61
N THR B 244 20.56 13.51 0.60
CA THR B 244 20.90 14.30 1.78
C THR B 244 19.82 14.07 2.85
N LEU B 245 18.57 13.87 2.41
CA LEU B 245 17.45 13.69 3.33
C LEU B 245 17.43 12.28 3.90
N ARG B 246 17.89 11.26 3.14
CA ARG B 246 18.04 9.92 3.68
C ARG B 246 19.11 9.91 4.78
N LYS B 247 20.24 10.61 4.54
CA LYS B 247 21.35 10.67 5.49
C LYS B 247 20.90 11.25 6.83
N ARG B 248 19.94 12.19 6.83
CA ARG B 248 19.37 12.74 8.05
C ARG B 248 18.23 11.85 8.57
N GLY B 249 17.97 10.72 7.88
CA GLY B 249 17.16 9.64 8.41
C GLY B 249 15.68 9.77 8.07
N LEU B 250 15.36 10.29 6.88
CA LEU B 250 13.97 10.61 6.52
C LEU B 250 13.49 9.64 5.45
N THR B 251 12.23 9.17 5.56
CA THR B 251 11.64 8.25 4.60
C THR B 251 11.16 9.06 3.40
N VAL B 252 11.98 9.09 2.33
CA VAL B 252 11.72 9.85 1.12
C VAL B 252 11.91 8.95 -0.10
N ASP B 253 10.85 8.78 -0.89
CA ASP B 253 10.97 8.18 -2.20
C ASP B 253 11.09 9.28 -3.25
N GLY B 254 11.86 9.01 -4.30
CA GLY B 254 11.89 9.86 -5.48
C GLY B 254 13.32 10.25 -5.82
N PRO B 255 13.53 11.10 -6.86
CA PRO B 255 12.42 11.68 -7.62
C PRO B 255 11.74 10.66 -8.52
N MET B 256 10.42 10.79 -8.64
CA MET B 256 9.62 9.99 -9.55
C MET B 256 8.70 10.92 -10.35
N GLY B 257 8.29 10.47 -11.54
CA GLY B 257 7.36 11.24 -12.37
C GLY B 257 6.06 11.55 -11.64
N ALA B 258 5.69 12.83 -11.63
CA ALA B 258 4.62 13.31 -10.78
C ALA B 258 3.33 12.55 -11.10
N ASP B 259 3.12 12.27 -12.39
CA ASP B 259 1.90 11.64 -12.86
C ASP B 259 1.72 10.27 -12.24
N MET B 260 2.82 9.49 -12.24
CA MET B 260 2.73 8.09 -11.87
C MET B 260 2.65 7.95 -10.35
N VAL B 261 3.42 8.76 -9.61
CA VAL B 261 3.53 8.56 -8.17
C VAL B 261 2.25 9.05 -7.51
N LEU B 262 1.73 10.20 -7.93
CA LEU B 262 0.52 10.76 -7.35
C LEU B 262 -0.60 9.74 -7.45
N ALA B 263 -0.71 9.10 -8.62
CA ALA B 263 -1.84 8.23 -8.91
C ALA B 263 -1.86 7.00 -7.99
N GLN B 264 -0.70 6.60 -7.46
CA GLN B 264 -0.59 5.44 -6.58
C GLN B 264 -1.28 5.75 -5.25
N ARG B 265 -1.23 7.01 -4.81
CA ARG B 265 -1.97 7.48 -3.64
C ARG B 265 -1.55 6.72 -2.38
N LYS B 266 -0.24 6.68 -2.11
CA LYS B 266 0.32 5.88 -1.03
C LYS B 266 1.40 6.66 -0.25
N HIS B 267 1.39 7.98 -0.35
CA HIS B 267 2.25 8.85 0.45
C HIS B 267 1.39 9.88 1.15
N ASP B 268 1.87 10.38 2.29
CA ASP B 268 1.15 11.35 3.08
C ASP B 268 1.48 12.78 2.63
N LEU B 269 2.59 12.92 1.91
CA LEU B 269 3.08 14.22 1.50
C LEU B 269 3.77 14.07 0.16
N TYR B 270 3.30 14.85 -0.82
CA TYR B 270 4.01 14.96 -2.10
C TYR B 270 4.73 16.31 -2.12
N VAL B 271 5.86 16.35 -2.84
CA VAL B 271 6.65 17.55 -2.94
C VAL B 271 6.71 17.96 -4.40
N ALA B 272 5.98 19.00 -4.78
CA ALA B 272 5.94 19.45 -6.16
C ALA B 272 7.06 20.45 -6.43
N MET B 273 7.59 20.44 -7.66
CA MET B 273 8.66 21.34 -8.04
C MET B 273 8.11 22.65 -8.59
N LEU B 274 6.95 22.58 -9.28
CA LEU B 274 6.35 23.73 -9.92
C LEU B 274 4.90 23.91 -9.48
N HIS B 275 4.46 25.17 -9.41
CA HIS B 275 3.10 25.53 -9.05
C HIS B 275 2.08 24.54 -9.63
N ASP B 276 2.09 24.37 -10.95
CA ASP B 276 1.02 23.66 -11.63
C ASP B 276 1.03 22.17 -11.28
N GLN B 277 2.20 21.60 -10.95
CA GLN B 277 2.30 20.18 -10.70
C GLN B 277 1.42 19.79 -9.50
N GLY B 278 1.36 20.68 -8.51
CA GLY B 278 0.62 20.43 -7.29
C GLY B 278 -0.78 21.04 -7.33
N HIS B 279 -0.95 22.12 -8.09
CA HIS B 279 -2.22 22.83 -8.11
C HIS B 279 -3.27 22.10 -8.95
N ILE B 280 -2.84 21.48 -10.05
CA ILE B 280 -3.76 20.82 -10.95
C ILE B 280 -4.53 19.70 -10.25
N PRO B 281 -3.84 18.73 -9.59
CA PRO B 281 -4.55 17.62 -8.94
C PRO B 281 -5.50 18.09 -7.85
N ILE B 282 -5.08 19.11 -7.10
CA ILE B 282 -5.81 19.57 -5.92
C ILE B 282 -7.15 20.17 -6.34
N LYS B 283 -7.12 21.06 -7.34
CA LYS B 283 -8.33 21.74 -7.81
C LYS B 283 -9.29 20.77 -8.48
N LEU B 284 -8.74 19.67 -9.01
CA LEU B 284 -9.52 18.71 -9.77
C LEU B 284 -10.31 17.81 -8.84
N LEU B 285 -9.66 17.35 -7.76
CA LEU B 285 -10.25 16.41 -6.81
C LEU B 285 -11.08 17.12 -5.76
N ALA B 286 -10.67 18.36 -5.41
CA ALA B 286 -11.39 19.16 -4.43
C ALA B 286 -11.75 20.51 -5.04
N PRO B 287 -12.70 20.53 -6.01
CA PRO B 287 -13.22 21.78 -6.57
C PRO B 287 -13.95 22.63 -5.53
N ASN B 288 -14.34 21.99 -4.41
CA ASN B 288 -15.22 22.59 -3.43
C ASN B 288 -14.67 22.59 -2.00
N GLY B 289 -13.35 22.50 -1.83
CA GLY B 289 -12.77 22.60 -0.49
C GLY B 289 -11.29 22.25 -0.39
N ALA B 290 -10.43 23.13 -0.93
CA ALA B 290 -8.99 23.04 -0.78
C ALA B 290 -8.50 24.07 0.25
N SER B 291 -7.66 23.64 1.18
CA SER B 291 -7.06 24.59 2.12
C SER B 291 -5.66 24.94 1.63
N ALA B 292 -5.27 26.21 1.78
CA ALA B 292 -3.97 26.67 1.36
C ALA B 292 -3.15 27.04 2.59
N LEU B 293 -2.15 26.23 2.96
CA LEU B 293 -1.35 26.47 4.16
C LEU B 293 -0.05 27.16 3.73
N SER B 294 0.18 28.36 4.27
CA SER B 294 1.48 29.01 4.18
C SER B 294 2.27 28.62 5.41
N ILE B 295 3.48 28.07 5.17
CA ILE B 295 4.34 27.52 6.20
C ILE B 295 5.67 28.25 6.15
N GLY B 296 6.17 28.63 7.33
CA GLY B 296 7.41 29.38 7.47
C GLY B 296 7.70 29.60 8.95
N GLY B 297 8.87 29.13 9.42
CA GLY B 297 9.33 29.36 10.77
C GLY B 297 8.30 29.08 11.88
N ARG B 298 7.78 27.84 11.95
CA ARG B 298 6.90 27.39 13.03
C ARG B 298 5.43 27.76 12.76
N VAL B 299 5.21 28.82 11.99
CA VAL B 299 3.87 29.35 11.79
C VAL B 299 3.24 28.68 10.58
N VAL B 300 2.04 28.14 10.80
CA VAL B 300 1.24 27.58 9.73
C VAL B 300 -0.04 28.41 9.63
N LEU B 301 -0.20 29.12 8.51
CA LEU B 301 -1.38 29.95 8.30
C LEU B 301 -2.22 29.38 7.17
N SER B 302 -3.50 29.11 7.43
CA SER B 302 -4.41 28.65 6.40
C SER B 302 -5.48 29.69 6.10
N SER B 303 -5.69 29.96 4.82
CA SER B 303 -6.85 30.69 4.38
C SER B 303 -8.04 29.75 4.43
N VAL B 304 -9.24 30.34 4.43
CA VAL B 304 -10.44 29.66 3.99
C VAL B 304 -10.40 29.68 2.46
N GLY B 305 -11.14 28.79 1.79
CA GLY B 305 -10.91 28.59 0.36
C GLY B 305 -11.72 29.54 -0.54
N HIS B 306 -12.01 30.76 -0.10
CA HIS B 306 -12.98 31.59 -0.78
C HIS B 306 -12.78 33.06 -0.41
N GLY B 307 -13.50 33.94 -1.12
CA GLY B 307 -13.31 35.38 -1.04
C GLY B 307 -14.21 35.99 0.03
N SER B 308 -14.15 37.34 0.12
CA SER B 308 -14.78 38.09 1.19
C SER B 308 -16.29 38.18 1.00
N ALA B 309 -16.75 37.92 -0.23
CA ALA B 309 -18.17 37.80 -0.56
C ALA B 309 -18.91 39.08 -0.20
N MET B 310 -18.41 40.22 -0.70
CA MET B 310 -18.95 41.52 -0.37
C MET B 310 -20.44 41.60 -0.74
N ASP B 311 -20.86 40.83 -1.74
CA ASP B 311 -22.23 40.84 -2.19
C ASP B 311 -23.19 40.39 -1.07
N ILE B 312 -22.76 39.47 -0.20
CA ILE B 312 -23.65 38.86 0.79
C ILE B 312 -23.27 39.28 2.21
N ALA B 313 -22.23 40.12 2.34
CA ALA B 313 -21.80 40.59 3.65
C ALA B 313 -22.96 41.31 4.34
N GLY B 314 -23.19 40.97 5.60
CA GLY B 314 -24.02 41.78 6.47
C GLY B 314 -25.50 41.40 6.40
N ARG B 315 -25.85 40.46 5.52
CA ARG B 315 -27.22 39.93 5.46
C ARG B 315 -27.38 38.72 6.38
N GLY B 316 -26.25 38.11 6.81
CA GLY B 316 -26.29 37.03 7.77
C GLY B 316 -26.73 35.71 7.14
N VAL B 317 -26.25 35.44 5.92
CA VAL B 317 -26.64 34.24 5.19
C VAL B 317 -25.41 33.48 4.72
N ALA B 318 -24.25 33.73 5.33
CA ALA B 318 -22.99 33.16 4.86
C ALA B 318 -22.69 31.83 5.56
N ASP B 319 -21.98 30.97 4.81
CA ASP B 319 -21.70 29.59 5.19
C ASP B 319 -20.35 29.47 5.90
N ALA B 320 -20.35 28.82 7.08
CA ALA B 320 -19.13 28.67 7.85
C ALA B 320 -18.45 27.35 7.52
N THR B 321 -19.08 26.53 6.65
CA THR B 321 -18.60 25.17 6.36
C THR B 321 -17.10 25.21 6.03
N ALA B 322 -16.73 26.13 5.13
CA ALA B 322 -15.36 26.21 4.67
C ALA B 322 -14.45 26.57 5.85
N LEU B 323 -14.92 27.48 6.69
CA LEU B 323 -14.17 27.83 7.88
C LEU B 323 -14.04 26.60 8.79
N LEU B 324 -15.15 25.93 9.08
CA LEU B 324 -15.15 24.79 9.99
C LEU B 324 -14.25 23.67 9.46
N ARG B 325 -14.22 23.49 8.14
CA ARG B 325 -13.39 22.46 7.53
C ARG B 325 -11.92 22.78 7.81
N THR B 326 -11.57 24.07 7.78
CA THR B 326 -10.20 24.53 7.97
C THR B 326 -9.77 24.37 9.43
N ILE B 327 -10.70 24.65 10.35
CA ILE B 327 -10.48 24.45 11.77
C ILE B 327 -10.23 22.96 12.03
N ALA B 328 -11.06 22.11 11.42
CA ALA B 328 -10.95 20.66 11.58
C ALA B 328 -9.59 20.18 11.12
N LEU B 329 -9.07 20.83 10.07
CA LEU B 329 -7.82 20.44 9.46
C LEU B 329 -6.61 20.82 10.32
N LEU B 330 -6.56 22.09 10.75
CA LEU B 330 -5.45 22.59 11.56
C LEU B 330 -5.59 22.18 13.03
N GLY B 331 -6.69 21.51 13.40
CA GLY B 331 -6.95 21.20 14.79
C GLY B 331 -7.09 19.70 15.05
N ALA B 332 -6.54 18.89 14.14
CA ALA B 332 -6.58 17.44 14.20
C ALA B 332 -5.73 16.92 15.36
N GLN B 333 -6.11 15.75 15.87
CA GLN B 333 -5.50 15.22 17.07
C GLN B 333 -4.03 14.94 16.78
N PRO B 334 -3.10 15.32 17.69
CA PRO B 334 -1.67 15.33 17.37
C PRO B 334 -1.19 13.90 17.53
N VAL B 335 -1.64 13.02 16.62
CA VAL B 335 -1.61 11.59 16.85
C VAL B 335 -0.20 11.03 16.54
N MET C 21 -24.62 -2.00 -26.14
CA MET C 21 -24.42 -3.24 -26.95
C MET C 21 -23.59 -2.88 -28.18
N THR C 22 -24.03 -1.92 -29.01
CA THR C 22 -23.30 -1.52 -30.21
C THR C 22 -22.25 -0.49 -29.83
N ILE C 23 -20.97 -0.77 -30.13
CA ILE C 23 -19.88 0.11 -29.71
C ILE C 23 -19.03 0.53 -30.91
N VAL C 24 -19.18 -0.14 -32.06
CA VAL C 24 -18.37 0.07 -33.23
C VAL C 24 -19.24 0.72 -34.32
N HIS C 25 -18.99 2.01 -34.60
CA HIS C 25 -19.81 2.70 -35.59
C HIS C 25 -18.94 3.11 -36.78
N ARG C 26 -17.74 2.53 -36.90
CA ARG C 26 -16.68 3.07 -37.75
C ARG C 26 -15.68 1.97 -38.11
N ARG C 27 -15.07 2.07 -39.30
CA ARG C 27 -14.05 1.12 -39.74
C ARG C 27 -12.79 1.30 -38.90
N LEU C 28 -12.23 0.20 -38.40
CA LEU C 28 -11.02 0.26 -37.58
C LEU C 28 -10.03 -0.80 -38.02
N ALA C 29 -8.74 -0.47 -37.88
CA ALA C 29 -7.67 -1.45 -37.96
C ALA C 29 -7.30 -1.86 -36.54
N LEU C 30 -7.09 -3.18 -36.35
CA LEU C 30 -6.58 -3.74 -35.13
C LEU C 30 -5.31 -4.52 -35.44
N ALA C 31 -4.16 -3.94 -35.09
CA ALA C 31 -2.89 -4.65 -35.13
C ALA C 31 -2.77 -5.47 -33.85
N ILE C 32 -2.46 -6.76 -33.97
CA ILE C 32 -2.54 -7.70 -32.86
C ILE C 32 -1.27 -7.66 -32.01
N GLY C 33 -0.35 -6.73 -32.30
CA GLY C 33 0.78 -6.53 -31.40
C GLY C 33 1.67 -7.76 -31.38
N ASP C 34 2.37 -7.96 -30.26
CA ASP C 34 3.39 -8.99 -30.18
C ASP C 34 2.71 -10.36 -30.27
N PRO C 35 3.03 -11.17 -31.30
CA PRO C 35 2.30 -12.41 -31.55
C PRO C 35 2.60 -13.53 -30.57
N HIS C 36 3.58 -13.29 -29.67
CA HIS C 36 3.92 -14.19 -28.59
C HIS C 36 3.24 -13.77 -27.29
N GLY C 37 2.68 -12.56 -27.26
CA GLY C 37 2.03 -12.04 -26.07
C GLY C 37 0.54 -12.33 -26.07
N ILE C 38 -0.20 -11.59 -25.25
CA ILE C 38 -1.63 -11.80 -25.09
C ILE C 38 -2.40 -11.09 -26.21
N GLY C 39 -1.71 -10.32 -27.05
CA GLY C 39 -2.36 -9.50 -28.06
C GLY C 39 -3.31 -10.32 -28.93
N PRO C 40 -2.84 -11.41 -29.57
CA PRO C 40 -3.72 -12.26 -30.39
C PRO C 40 -4.93 -12.76 -29.62
N GLU C 41 -4.74 -13.16 -28.35
CA GLU C 41 -5.81 -13.74 -27.52
C GLU C 41 -6.91 -12.71 -27.26
N ILE C 42 -6.51 -11.51 -26.83
CA ILE C 42 -7.46 -10.45 -26.51
C ILE C 42 -8.11 -9.93 -27.80
N ALA C 43 -7.38 -9.95 -28.93
CA ALA C 43 -7.99 -9.62 -30.20
C ALA C 43 -9.19 -10.52 -30.47
N LEU C 44 -9.01 -11.84 -30.31
CA LEU C 44 -10.08 -12.78 -30.56
C LEU C 44 -11.20 -12.58 -29.55
N LYS C 45 -10.85 -12.36 -28.28
CA LYS C 45 -11.84 -12.29 -27.21
C LYS C 45 -12.68 -11.02 -27.33
N ALA C 46 -12.08 -9.93 -27.83
CA ALA C 46 -12.78 -8.69 -28.07
C ALA C 46 -13.75 -8.85 -29.25
N LEU C 47 -13.26 -9.41 -30.37
CA LEU C 47 -14.08 -9.60 -31.57
C LEU C 47 -15.25 -10.54 -31.28
N GLN C 48 -14.98 -11.58 -30.50
CA GLN C 48 -15.98 -12.56 -30.08
C GLN C 48 -17.21 -11.87 -29.52
N GLN C 49 -17.03 -10.74 -28.81
CA GLN C 49 -18.10 -10.10 -28.06
C GLN C 49 -18.95 -9.17 -28.92
N LEU C 50 -18.52 -8.89 -30.16
CA LEU C 50 -19.22 -7.93 -30.99
C LEU C 50 -20.26 -8.68 -31.84
N SER C 51 -21.06 -7.91 -32.58
CA SER C 51 -22.01 -8.44 -33.55
C SER C 51 -21.25 -8.92 -34.78
N ALA C 52 -21.96 -9.61 -35.69
CA ALA C 52 -21.42 -9.90 -37.01
C ALA C 52 -21.12 -8.60 -37.74
N THR C 53 -22.06 -7.66 -37.66
CA THR C 53 -21.97 -6.32 -38.24
C THR C 53 -20.69 -5.64 -37.75
N GLU C 54 -20.52 -5.57 -36.42
CA GLU C 54 -19.40 -4.86 -35.82
C GLU C 54 -18.09 -5.50 -36.24
N ARG C 55 -18.04 -6.84 -36.33
CA ARG C 55 -16.83 -7.59 -36.63
C ARG C 55 -16.33 -7.30 -38.04
N SER C 56 -17.26 -6.97 -38.94
CA SER C 56 -16.89 -6.73 -40.33
C SER C 56 -16.34 -5.31 -40.50
N LEU C 57 -16.50 -4.45 -39.48
CA LEU C 57 -15.97 -3.09 -39.52
C LEU C 57 -14.53 -3.03 -38.98
N ILE C 58 -14.07 -4.13 -38.37
CA ILE C 58 -12.74 -4.19 -37.81
C ILE C 58 -11.88 -5.11 -38.66
N LYS C 59 -10.80 -4.57 -39.23
CA LYS C 59 -9.88 -5.37 -40.01
C LYS C 59 -8.62 -5.63 -39.20
N VAL C 60 -8.25 -6.92 -39.10
CA VAL C 60 -7.18 -7.38 -38.21
C VAL C 60 -5.87 -7.55 -38.97
N TYR C 61 -4.82 -6.88 -38.50
CA TYR C 61 -3.50 -6.93 -39.13
C TYR C 61 -2.58 -7.74 -38.23
N GLY C 62 -1.86 -8.69 -38.81
CA GLY C 62 -0.98 -9.55 -38.03
C GLY C 62 -0.81 -10.92 -38.66
N PRO C 63 0.12 -11.75 -38.13
CA PRO C 63 0.38 -13.08 -38.69
C PRO C 63 -0.78 -14.01 -38.38
N TRP C 64 -1.23 -14.75 -39.40
CA TRP C 64 -2.40 -15.60 -39.24
C TRP C 64 -2.10 -16.78 -38.30
N SER C 65 -0.84 -17.21 -38.30
CA SER C 65 -0.38 -18.30 -37.45
C SER C 65 -0.67 -17.98 -35.98
N ALA C 66 -0.48 -16.72 -35.59
CA ALA C 66 -0.64 -16.32 -34.20
C ALA C 66 -2.12 -16.38 -33.81
N LEU C 67 -2.99 -16.00 -34.76
CA LEU C 67 -4.42 -15.97 -34.50
C LEU C 67 -4.95 -17.41 -34.46
N GLU C 68 -4.36 -18.31 -35.27
CA GLU C 68 -4.71 -19.73 -35.25
C GLU C 68 -4.34 -20.36 -33.90
N GLN C 69 -3.14 -20.03 -33.41
CA GLN C 69 -2.66 -20.45 -32.11
C GLN C 69 -3.67 -20.06 -31.05
N ALA C 70 -3.98 -18.76 -30.96
CA ALA C 70 -4.86 -18.25 -29.92
C ALA C 70 -6.28 -18.81 -30.04
N ALA C 71 -6.65 -19.25 -31.26
CA ALA C 71 -7.95 -19.88 -31.48
C ALA C 71 -7.99 -21.28 -30.85
N GLN C 72 -6.93 -22.08 -31.03
CA GLN C 72 -6.80 -23.38 -30.37
C GLN C 72 -6.98 -23.27 -28.87
N ILE C 73 -6.20 -22.38 -28.25
CA ILE C 73 -6.08 -22.27 -26.82
C ILE C 73 -7.44 -21.87 -26.20
N CYS C 74 -8.03 -20.77 -26.73
CA CYS C 74 -9.28 -20.24 -26.22
C CYS C 74 -10.49 -20.97 -26.79
N GLN C 75 -10.26 -21.82 -27.81
CA GLN C 75 -11.30 -22.68 -28.39
C GLN C 75 -12.30 -21.83 -29.17
N MET C 76 -11.78 -20.97 -30.05
CA MET C 76 -12.60 -20.04 -30.82
C MET C 76 -12.27 -20.16 -32.32
N GLU C 77 -12.08 -21.41 -32.80
CA GLU C 77 -11.74 -21.63 -34.19
C GLU C 77 -12.91 -21.17 -35.07
N SER C 78 -14.14 -21.29 -34.56
CA SER C 78 -15.33 -20.87 -35.29
C SER C 78 -15.22 -19.42 -35.74
N LEU C 79 -14.55 -18.60 -34.91
CA LEU C 79 -14.52 -17.16 -35.10
C LEU C 79 -13.63 -16.77 -36.28
N LEU C 80 -12.59 -17.57 -36.58
CA LEU C 80 -11.62 -17.21 -37.61
C LEU C 80 -12.30 -17.08 -38.97
N GLN C 81 -13.32 -17.93 -39.21
CA GLN C 81 -14.15 -17.87 -40.42
C GLN C 81 -14.53 -16.43 -40.73
N ASP C 82 -15.12 -15.75 -39.74
CA ASP C 82 -15.79 -14.48 -40.01
C ASP C 82 -14.84 -13.30 -39.84
N LEU C 83 -13.53 -13.54 -39.70
CA LEU C 83 -12.62 -12.45 -39.39
C LEU C 83 -12.22 -11.75 -40.68
N ILE C 84 -12.25 -10.41 -40.70
CA ILE C 84 -11.67 -9.67 -41.81
C ILE C 84 -10.20 -9.48 -41.44
N HIS C 85 -9.31 -9.87 -42.36
CA HIS C 85 -7.89 -10.03 -42.03
C HIS C 85 -6.98 -9.66 -43.19
N GLU C 86 -5.81 -9.11 -42.85
CA GLU C 86 -4.70 -8.93 -43.78
C GLU C 86 -3.43 -9.45 -43.11
N GLU C 87 -2.74 -10.39 -43.78
CA GLU C 87 -1.48 -10.91 -43.30
C GLU C 87 -0.46 -9.78 -43.20
N ALA C 88 0.10 -9.60 -41.99
CA ALA C 88 1.22 -8.69 -41.78
C ALA C 88 2.13 -9.25 -40.69
N GLY C 89 3.44 -8.97 -40.81
CA GLY C 89 4.40 -9.44 -39.83
C GLY C 89 4.39 -10.96 -39.72
N SER C 90 4.42 -11.63 -40.89
CA SER C 90 4.45 -13.08 -40.93
C SER C 90 5.66 -13.56 -40.15
N LEU C 91 5.53 -14.76 -39.57
CA LEU C 91 6.62 -15.42 -38.85
C LEU C 91 7.22 -16.53 -39.70
N ALA C 92 8.51 -16.83 -39.47
CA ALA C 92 9.23 -17.79 -40.29
C ALA C 92 9.30 -19.17 -39.62
N GLN C 93 8.80 -19.26 -38.39
CA GLN C 93 8.79 -20.49 -37.63
C GLN C 93 7.62 -20.46 -36.67
N PRO C 94 7.25 -21.59 -36.03
CA PRO C 94 6.11 -21.61 -35.12
C PRO C 94 6.12 -20.52 -34.06
N VAL C 95 4.92 -20.14 -33.63
CA VAL C 95 4.71 -19.19 -32.56
C VAL C 95 5.21 -19.81 -31.25
N GLN C 96 5.85 -18.99 -30.42
CA GLN C 96 6.33 -19.42 -29.11
C GLN C 96 5.68 -18.56 -28.03
N CYS C 97 4.45 -18.91 -27.64
CA CYS C 97 3.71 -18.13 -26.64
C CYS C 97 4.57 -17.97 -25.39
N GLY C 98 4.70 -16.72 -24.92
CA GLY C 98 5.41 -16.45 -23.68
C GLY C 98 6.86 -16.01 -23.92
N GLU C 99 7.45 -16.42 -25.05
CA GLU C 99 8.86 -16.14 -25.32
C GLU C 99 9.06 -14.73 -25.90
N ILE C 100 10.14 -14.07 -25.46
CA ILE C 100 10.60 -12.80 -26.02
C ILE C 100 11.58 -13.09 -27.15
N THR C 101 11.23 -12.75 -28.40
CA THR C 101 12.12 -13.04 -29.53
C THR C 101 12.13 -11.86 -30.49
N PRO C 102 13.28 -11.57 -31.16
CA PRO C 102 13.37 -10.49 -32.13
C PRO C 102 12.34 -10.59 -33.25
N GLN C 103 11.99 -11.83 -33.63
CA GLN C 103 11.08 -12.06 -34.75
C GLN C 103 9.71 -11.53 -34.36
N ALA C 104 9.29 -11.82 -33.11
CA ALA C 104 8.04 -11.31 -32.59
C ALA C 104 8.07 -9.79 -32.56
N GLY C 105 9.26 -9.23 -32.29
CA GLY C 105 9.47 -7.78 -32.25
C GLY C 105 9.18 -7.15 -33.62
N LEU C 106 9.82 -7.70 -34.66
CA LEU C 106 9.59 -7.25 -36.03
C LEU C 106 8.12 -7.39 -36.39
N SER C 107 7.54 -8.56 -36.10
CA SER C 107 6.14 -8.84 -36.39
C SER C 107 5.26 -7.71 -35.87
N THR C 108 5.50 -7.29 -34.61
CA THR C 108 4.75 -6.23 -33.96
C THR C 108 4.76 -4.96 -34.80
N VAL C 109 5.96 -4.52 -35.17
CA VAL C 109 6.12 -3.25 -35.86
C VAL C 109 5.53 -3.32 -37.26
N GLN C 110 5.57 -4.50 -37.89
CA GLN C 110 5.08 -4.66 -39.26
C GLN C 110 3.56 -4.58 -39.28
N SER C 111 2.93 -5.22 -38.29
CA SER C 111 1.48 -5.24 -38.16
C SER C 111 0.95 -3.82 -37.93
N ALA C 112 1.58 -3.12 -36.99
CA ALA C 112 1.22 -1.74 -36.69
C ALA C 112 1.41 -0.86 -37.92
N THR C 113 2.48 -1.11 -38.70
CA THR C 113 2.78 -0.33 -39.89
C THR C 113 1.74 -0.60 -40.97
N ALA C 114 1.40 -1.88 -41.18
CA ALA C 114 0.34 -2.24 -42.11
C ALA C 114 -0.95 -1.53 -41.72
N ALA C 115 -1.27 -1.53 -40.43
CA ALA C 115 -2.50 -0.93 -39.93
C ALA C 115 -2.48 0.58 -40.16
N ILE C 116 -1.34 1.21 -39.83
CA ILE C 116 -1.21 2.65 -39.94
C ILE C 116 -1.40 3.09 -41.39
N ARG C 117 -0.88 2.29 -42.34
CA ARG C 117 -0.94 2.65 -43.76
C ARG C 117 -2.38 2.50 -44.28
N ALA C 118 -3.13 1.55 -43.72
CA ALA C 118 -4.53 1.37 -44.08
C ALA C 118 -5.34 2.57 -43.63
N CYS C 119 -4.92 3.19 -42.51
CA CYS C 119 -5.54 4.40 -42.02
C CYS C 119 -5.13 5.59 -42.88
N GLU C 120 -3.85 5.65 -43.23
CA GLU C 120 -3.33 6.69 -44.09
C GLU C 120 -4.09 6.71 -45.42
N SER C 121 -4.25 5.53 -46.02
CA SER C 121 -4.86 5.38 -47.33
C SER C 121 -6.37 5.63 -47.29
N GLY C 122 -6.99 5.55 -46.10
CA GLY C 122 -8.41 5.83 -45.99
C GLY C 122 -9.25 4.56 -45.92
N GLU C 123 -8.59 3.41 -45.90
CA GLU C 123 -9.31 2.15 -45.86
C GLU C 123 -10.01 2.02 -44.51
N VAL C 124 -9.38 2.53 -43.44
CA VAL C 124 -9.99 2.61 -42.12
C VAL C 124 -9.87 4.04 -41.60
N ASP C 125 -10.56 4.32 -40.48
CA ASP C 125 -10.66 5.66 -39.94
C ASP C 125 -9.78 5.85 -38.71
N ALA C 126 -9.37 4.76 -38.06
CA ALA C 126 -8.47 4.82 -36.92
C ALA C 126 -7.83 3.47 -36.68
N VAL C 127 -6.83 3.44 -35.81
CA VAL C 127 -6.03 2.24 -35.57
C VAL C 127 -5.93 1.97 -34.08
N ILE C 128 -6.01 0.68 -33.71
CA ILE C 128 -5.78 0.23 -32.35
C ILE C 128 -4.63 -0.77 -32.38
N ALA C 129 -3.65 -0.59 -31.48
CA ALA C 129 -2.52 -1.50 -31.36
C ALA C 129 -2.62 -2.32 -30.07
N CYS C 130 -2.69 -3.64 -30.20
CA CYS C 130 -2.61 -4.54 -29.07
C CYS C 130 -1.18 -4.48 -28.55
N PRO C 131 -0.91 -5.00 -27.34
CA PRO C 131 0.39 -4.80 -26.68
C PRO C 131 1.62 -5.29 -27.41
N HIS C 132 2.66 -4.46 -27.37
CA HIS C 132 4.00 -4.79 -27.84
C HIS C 132 4.83 -5.26 -26.66
N HIS C 133 6.04 -5.75 -26.95
CA HIS C 133 7.09 -5.93 -25.97
C HIS C 133 8.34 -5.18 -26.44
N GLU C 134 8.81 -4.20 -25.65
CA GLU C 134 9.88 -3.32 -26.10
C GLU C 134 11.20 -4.06 -26.24
N THR C 135 11.51 -4.98 -25.31
CA THR C 135 12.75 -5.72 -25.41
C THR C 135 12.78 -6.44 -26.76
N ALA C 136 11.63 -7.04 -27.11
CA ALA C 136 11.52 -7.80 -28.34
C ALA C 136 11.85 -6.89 -29.53
N ILE C 137 11.25 -5.70 -29.54
CA ILE C 137 11.44 -4.79 -30.65
C ILE C 137 12.89 -4.34 -30.68
N HIS C 138 13.50 -4.13 -29.50
CA HIS C 138 14.86 -3.61 -29.43
C HIS C 138 15.83 -4.66 -29.98
N ARG C 139 15.59 -5.93 -29.65
CA ARG C 139 16.47 -7.00 -30.08
C ARG C 139 16.36 -7.26 -31.58
N ALA C 140 15.27 -6.77 -32.19
CA ALA C 140 15.14 -6.84 -33.63
C ALA C 140 15.96 -5.73 -34.30
N GLY C 141 16.56 -4.86 -33.49
CA GLY C 141 17.39 -3.78 -33.99
C GLY C 141 16.55 -2.59 -34.48
N ILE C 142 15.37 -2.41 -33.87
CA ILE C 142 14.45 -1.36 -34.28
C ILE C 142 14.37 -0.31 -33.16
N ALA C 143 14.54 0.95 -33.56
CA ALA C 143 14.35 2.09 -32.67
C ALA C 143 12.86 2.29 -32.36
N PHE C 144 12.50 2.18 -31.08
CA PHE C 144 11.10 2.34 -30.70
C PHE C 144 11.04 3.05 -29.35
N SER C 145 10.48 4.25 -29.37
CA SER C 145 10.35 5.11 -28.20
C SER C 145 8.88 5.47 -27.96
N GLY C 146 7.97 4.53 -28.28
CA GLY C 146 6.54 4.78 -28.19
C GLY C 146 5.90 4.93 -29.57
N TYR C 147 4.56 4.96 -29.55
CA TYR C 147 3.76 4.98 -30.75
C TYR C 147 3.81 6.35 -31.42
N PRO C 148 3.92 7.48 -30.69
CA PRO C 148 4.11 8.78 -31.34
C PRO C 148 5.26 8.74 -32.34
N SER C 149 6.39 8.17 -31.91
CA SER C 149 7.57 8.03 -32.75
C SER C 149 7.30 7.18 -33.98
N LEU C 150 6.78 5.97 -33.74
CA LEU C 150 6.53 5.02 -34.80
C LEU C 150 5.69 5.68 -35.89
N LEU C 151 4.62 6.35 -35.43
CA LEU C 151 3.64 6.95 -36.30
C LEU C 151 4.31 7.95 -37.24
N ALA C 152 5.25 8.74 -36.70
CA ALA C 152 5.97 9.75 -37.46
C ALA C 152 6.84 9.11 -38.55
N ASN C 153 7.69 8.16 -38.13
CA ASN C 153 8.59 7.45 -39.01
C ASN C 153 7.81 6.84 -40.18
N VAL C 154 6.65 6.24 -39.89
CA VAL C 154 5.89 5.51 -40.89
C VAL C 154 5.24 6.49 -41.89
N LEU C 155 4.74 7.60 -41.35
CA LEU C 155 3.98 8.58 -42.13
C LEU C 155 4.91 9.58 -42.82
N GLY C 156 6.20 9.63 -42.44
CA GLY C 156 7.16 10.54 -43.04
C GLY C 156 7.00 11.96 -42.49
N MET C 157 6.95 12.07 -41.16
CA MET C 157 6.76 13.31 -40.44
C MET C 157 7.83 13.44 -39.37
N ASN C 158 8.14 14.70 -39.00
CA ASN C 158 8.98 14.97 -37.85
C ASN C 158 8.20 14.59 -36.60
N GLU C 159 8.92 14.06 -35.60
CA GLU C 159 8.34 13.49 -34.39
C GLU C 159 7.57 14.56 -33.61
N ASP C 160 7.96 15.83 -33.77
CA ASP C 160 7.34 16.92 -33.03
C ASP C 160 6.06 17.39 -33.72
N GLU C 161 5.76 16.89 -34.93
CA GLU C 161 4.49 17.14 -35.62
C GLU C 161 3.43 16.08 -35.29
N VAL C 162 3.82 15.13 -34.43
CA VAL C 162 2.89 14.10 -33.95
C VAL C 162 2.74 14.32 -32.44
N PHE C 163 1.47 14.36 -32.01
CA PHE C 163 1.13 14.74 -30.66
C PHE C 163 0.48 13.55 -29.98
N LEU C 164 0.53 13.57 -28.64
CA LEU C 164 -0.12 12.58 -27.81
C LEU C 164 -1.31 13.20 -27.07
N MET C 165 -2.50 12.63 -27.29
CA MET C 165 -3.68 12.99 -26.54
C MET C 165 -3.99 11.87 -25.54
N LEU C 166 -4.08 12.20 -24.24
CA LEU C 166 -4.57 11.25 -23.25
C LEU C 166 -6.06 11.48 -23.08
N VAL C 167 -6.80 10.37 -22.94
CA VAL C 167 -8.25 10.40 -22.79
C VAL C 167 -8.61 9.50 -21.61
N GLY C 168 -9.37 10.05 -20.68
CA GLY C 168 -9.70 9.34 -19.46
C GLY C 168 -10.58 10.18 -18.56
N ALA C 169 -11.69 9.57 -18.09
CA ALA C 169 -12.61 10.18 -17.14
C ALA C 169 -13.18 11.49 -17.69
N GLY C 170 -13.61 11.49 -18.96
CA GLY C 170 -14.26 12.66 -19.55
C GLY C 170 -13.27 13.70 -20.05
N LEU C 171 -11.98 13.59 -19.65
CA LEU C 171 -10.96 14.57 -20.03
C LEU C 171 -10.25 14.13 -21.30
N ARG C 172 -10.03 15.11 -22.18
CA ARG C 172 -9.18 14.93 -23.35
C ARG C 172 -8.10 16.01 -23.29
N ILE C 173 -6.83 15.60 -23.29
CA ILE C 173 -5.71 16.53 -23.17
C ILE C 173 -4.65 16.20 -24.22
N VAL C 174 -4.56 16.99 -25.30
CA VAL C 174 -3.45 16.91 -26.24
C VAL C 174 -2.27 17.66 -25.63
N HIS C 175 -1.04 17.16 -25.84
CA HIS C 175 0.16 17.78 -25.32
C HIS C 175 0.96 18.36 -26.50
N VAL C 176 1.44 19.60 -26.36
CA VAL C 176 2.13 20.25 -27.45
C VAL C 176 3.60 19.81 -27.46
N THR C 177 4.16 19.64 -26.25
CA THR C 177 5.44 18.97 -26.05
C THR C 177 5.20 17.75 -25.16
N LEU C 178 6.17 16.84 -25.14
CA LEU C 178 6.01 15.58 -24.45
C LEU C 178 7.33 15.18 -23.80
N HIS C 179 8.03 14.21 -24.38
CA HIS C 179 9.05 13.46 -23.67
C HIS C 179 10.39 14.18 -23.82
N GLU C 180 10.53 15.34 -23.17
CA GLU C 180 11.77 16.12 -23.19
C GLU C 180 11.85 16.94 -21.91
N SER C 181 13.04 17.47 -21.63
CA SER C 181 13.25 18.27 -20.43
C SER C 181 12.37 19.53 -20.53
N VAL C 182 12.04 20.12 -19.37
CA VAL C 182 11.16 21.28 -19.32
C VAL C 182 11.79 22.42 -20.12
N ARG C 183 13.09 22.64 -19.89
CA ARG C 183 13.85 23.66 -20.59
C ARG C 183 13.77 23.42 -22.10
N SER C 184 14.09 22.19 -22.53
CA SER C 184 14.06 21.80 -23.93
C SER C 184 12.70 22.08 -24.57
N ALA C 185 11.61 21.89 -23.80
CA ALA C 185 10.24 22.12 -24.24
C ALA C 185 9.97 23.60 -24.43
N LEU C 186 10.43 24.42 -23.49
CA LEU C 186 10.24 25.86 -23.58
C LEU C 186 11.01 26.41 -24.78
N GLU C 187 12.21 25.88 -25.03
CA GLU C 187 13.01 26.31 -26.18
C GLU C 187 12.22 26.03 -27.46
N ARG C 188 11.44 24.93 -27.49
CA ARG C 188 10.80 24.47 -28.71
C ARG C 188 9.42 25.11 -28.90
N LEU C 189 8.78 25.56 -27.81
CA LEU C 189 7.41 26.03 -27.90
C LEU C 189 7.33 27.23 -28.84
N SER C 190 6.29 27.26 -29.67
CA SER C 190 6.05 28.36 -30.59
C SER C 190 4.56 28.50 -30.84
N PRO C 191 4.08 29.67 -31.31
CA PRO C 191 2.68 29.79 -31.74
C PRO C 191 2.24 28.72 -32.72
N GLN C 192 3.11 28.38 -33.69
CA GLN C 192 2.78 27.41 -34.72
C GLN C 192 2.62 26.01 -34.11
N LEU C 193 3.55 25.64 -33.23
CA LEU C 193 3.53 24.30 -32.65
C LEU C 193 2.22 24.10 -31.90
N VAL C 194 1.74 25.13 -31.20
CA VAL C 194 0.50 25.04 -30.46
C VAL C 194 -0.67 24.90 -31.42
N ILE C 195 -0.72 25.77 -32.44
CA ILE C 195 -1.78 25.75 -33.43
C ILE C 195 -1.88 24.33 -34.01
N ASN C 196 -0.73 23.74 -34.35
CA ASN C 196 -0.65 22.40 -34.92
C ASN C 196 -1.31 21.38 -34.00
N ALA C 197 -1.00 21.47 -32.70
CA ALA C 197 -1.50 20.51 -31.72
C ALA C 197 -3.03 20.60 -31.65
N VAL C 198 -3.55 21.81 -31.66
CA VAL C 198 -5.00 22.03 -31.56
C VAL C 198 -5.70 21.52 -32.82
N ASP C 199 -5.15 21.84 -34.00
CA ASP C 199 -5.69 21.37 -35.28
C ASP C 199 -5.74 19.84 -35.29
N ALA C 200 -4.66 19.19 -34.83
CA ALA C 200 -4.61 17.75 -34.76
C ALA C 200 -5.66 17.22 -33.78
N ALA C 201 -5.75 17.82 -32.60
CA ALA C 201 -6.66 17.39 -31.56
C ALA C 201 -8.12 17.61 -31.96
N VAL C 202 -8.41 18.70 -32.68
CA VAL C 202 -9.76 19.02 -33.09
C VAL C 202 -10.23 17.98 -34.11
N GLN C 203 -9.42 17.73 -35.13
CA GLN C 203 -9.68 16.66 -36.09
C GLN C 203 -9.98 15.35 -35.34
N THR C 204 -9.15 15.05 -34.33
CA THR C 204 -9.30 13.84 -33.53
C THR C 204 -10.61 13.86 -32.72
N CYS C 205 -11.06 15.04 -32.29
CA CYS C 205 -12.30 15.16 -31.54
C CYS C 205 -13.51 14.79 -32.40
N THR C 206 -13.45 15.11 -33.71
CA THR C 206 -14.48 14.70 -34.66
C THR C 206 -14.66 13.18 -34.62
N LEU C 207 -13.53 12.47 -34.63
CA LEU C 207 -13.53 11.02 -34.61
C LEU C 207 -14.13 10.51 -33.30
N LEU C 208 -13.86 11.20 -32.19
CA LEU C 208 -14.27 10.72 -30.87
C LEU C 208 -15.75 11.01 -30.60
N GLY C 209 -16.39 11.78 -31.47
CA GLY C 209 -17.84 11.95 -31.47
C GLY C 209 -18.28 13.35 -31.04
N VAL C 210 -17.35 14.31 -31.06
CA VAL C 210 -17.60 15.69 -30.65
C VAL C 210 -17.22 16.60 -31.81
N PRO C 211 -18.14 16.85 -32.77
CA PRO C 211 -17.82 17.63 -33.98
C PRO C 211 -17.18 18.99 -33.74
N LYS C 212 -17.86 19.85 -32.98
CA LYS C 212 -17.42 21.24 -32.82
C LYS C 212 -17.12 21.51 -31.35
N PRO C 213 -15.90 21.15 -30.88
CA PRO C 213 -15.60 21.18 -29.44
C PRO C 213 -15.16 22.52 -28.83
N GLN C 214 -15.41 22.64 -27.52
CA GLN C 214 -14.88 23.72 -26.72
C GLN C 214 -13.44 23.42 -26.34
N VAL C 215 -12.54 24.36 -26.60
CA VAL C 215 -11.11 24.18 -26.38
C VAL C 215 -10.60 25.12 -25.29
N ALA C 216 -9.79 24.59 -24.37
CA ALA C 216 -9.09 25.38 -23.38
C ALA C 216 -7.60 25.16 -23.52
N VAL C 217 -6.86 26.27 -23.60
CA VAL C 217 -5.42 26.22 -23.75
C VAL C 217 -4.78 26.59 -22.41
N PHE C 218 -4.00 25.65 -21.85
CA PHE C 218 -3.27 25.85 -20.61
C PHE C 218 -2.21 26.92 -20.82
N GLY C 219 -1.96 27.69 -19.77
CA GLY C 219 -0.81 28.59 -19.73
C GLY C 219 0.50 27.81 -19.56
N ILE C 220 1.58 28.35 -20.12
CA ILE C 220 2.91 27.82 -19.88
C ILE C 220 3.27 28.09 -18.43
N ASN C 221 3.08 29.34 -18.00
CA ASN C 221 3.44 29.75 -16.66
C ASN C 221 2.22 29.70 -15.76
N PRO C 222 2.42 29.64 -14.43
CA PRO C 222 1.30 29.71 -13.48
C PRO C 222 0.34 30.85 -13.80
N HIS C 223 -0.96 30.57 -13.71
CA HIS C 223 -1.99 31.58 -13.87
C HIS C 223 -1.90 32.20 -15.26
N ALA C 224 -1.38 31.41 -16.21
CA ALA C 224 -1.10 31.82 -17.58
C ALA C 224 -0.25 33.08 -17.67
N SER C 225 0.77 33.17 -16.80
CA SER C 225 1.73 34.26 -16.73
C SER C 225 1.18 35.45 -15.94
N GLU C 226 -0.15 35.54 -15.77
CA GLU C 226 -0.72 36.64 -15.00
C GLU C 226 -0.28 36.50 -13.53
N GLN C 228 1.06 39.59 -17.19
CA GLN C 228 2.38 39.03 -17.57
C GLN C 228 3.40 39.28 -16.46
N LEU C 229 2.89 39.16 -15.23
CA LEU C 229 3.65 39.27 -14.00
C LEU C 229 4.67 38.13 -13.89
N PHE C 230 4.34 36.93 -14.41
CA PHE C 230 5.13 35.73 -14.17
C PHE C 230 5.73 35.19 -15.47
N GLY C 231 6.36 36.05 -16.27
CA GLY C 231 7.09 35.60 -17.44
C GLY C 231 6.40 36.05 -18.72
N LEU C 232 7.17 36.11 -19.81
CA LEU C 232 6.68 36.65 -21.05
C LEU C 232 6.20 35.55 -22.01
N GLU C 233 6.40 34.27 -21.65
CA GLU C 233 6.20 33.18 -22.59
C GLU C 233 4.76 33.14 -23.12
N ASP C 234 3.78 33.39 -22.24
CA ASP C 234 2.38 33.22 -22.64
C ASP C 234 1.95 34.28 -23.64
N SER C 235 2.51 35.48 -23.54
CA SER C 235 2.17 36.56 -24.46
C SER C 235 2.90 36.39 -25.80
N GLN C 236 3.90 35.53 -25.84
CA GLN C 236 4.64 35.29 -27.07
C GLN C 236 4.11 34.06 -27.81
N ILE C 237 3.48 33.13 -27.08
CA ILE C 237 3.24 31.80 -27.61
C ILE C 237 1.75 31.45 -27.59
N THR C 238 1.17 31.35 -26.39
CA THR C 238 -0.18 30.85 -26.26
C THR C 238 -1.17 31.91 -26.70
N VAL C 239 -0.91 33.18 -26.34
CA VAL C 239 -1.88 34.23 -26.62
C VAL C 239 -2.00 34.40 -28.14
N PRO C 240 -0.90 34.65 -28.89
CA PRO C 240 -0.97 34.68 -30.36
C PRO C 240 -1.64 33.47 -31.00
N ALA C 241 -1.35 32.28 -30.48
CA ALA C 241 -1.89 31.06 -31.05
C ALA C 241 -3.41 31.01 -30.92
N VAL C 242 -3.92 31.43 -29.75
CA VAL C 242 -5.35 31.43 -29.48
C VAL C 242 -6.07 32.43 -30.40
N GLU C 243 -5.44 33.60 -30.65
CA GLU C 243 -6.01 34.60 -31.53
C GLU C 243 -6.07 34.09 -32.98
N THR C 244 -5.05 33.34 -33.39
CA THR C 244 -4.99 32.81 -34.74
C THR C 244 -6.07 31.73 -34.90
N LEU C 245 -6.35 30.99 -33.82
CA LEU C 245 -7.30 29.89 -33.87
C LEU C 245 -8.74 30.42 -33.83
N ARG C 246 -8.97 31.53 -33.11
CA ARG C 246 -10.29 32.15 -33.14
C ARG C 246 -10.61 32.68 -34.54
N LYS C 247 -9.62 33.28 -35.20
CA LYS C 247 -9.78 33.85 -36.53
C LYS C 247 -10.18 32.78 -37.55
N ARG C 248 -9.75 31.53 -37.37
CA ARG C 248 -10.21 30.42 -38.22
C ARG C 248 -11.57 29.89 -37.75
N GLY C 249 -12.12 30.48 -36.67
CA GLY C 249 -13.50 30.26 -36.26
C GLY C 249 -13.64 29.10 -35.28
N LEU C 250 -12.65 28.94 -34.38
CA LEU C 250 -12.67 27.92 -33.36
C LEU C 250 -12.98 28.57 -32.02
N THR C 251 -13.83 27.90 -31.22
CA THR C 251 -14.16 28.35 -29.88
C THR C 251 -13.03 27.92 -28.93
N VAL C 252 -12.15 28.88 -28.63
CA VAL C 252 -10.95 28.63 -27.86
C VAL C 252 -10.86 29.67 -26.75
N ASP C 253 -10.89 29.18 -25.50
CA ASP C 253 -10.65 30.00 -24.33
C ASP C 253 -9.19 29.80 -23.91
N GLY C 254 -8.59 30.86 -23.37
CA GLY C 254 -7.23 30.74 -22.86
C GLY C 254 -6.28 31.75 -23.49
N PRO C 255 -4.97 31.72 -23.11
CA PRO C 255 -4.46 30.82 -22.09
C PRO C 255 -5.00 31.14 -20.69
N MET C 256 -5.30 30.09 -19.93
CA MET C 256 -5.69 30.19 -18.54
C MET C 256 -4.85 29.21 -17.73
N GLY C 257 -4.73 29.46 -16.43
CA GLY C 257 -4.02 28.55 -15.54
C GLY C 257 -4.59 27.14 -15.54
N ALA C 258 -3.75 26.13 -15.73
CA ALA C 258 -4.24 24.78 -15.99
C ALA C 258 -5.14 24.31 -14.85
N ASP C 259 -4.76 24.68 -13.62
CA ASP C 259 -5.45 24.26 -12.42
C ASP C 259 -6.90 24.76 -12.43
N MET C 260 -7.07 26.03 -12.79
CA MET C 260 -8.34 26.72 -12.69
C MET C 260 -9.28 26.27 -13.81
N VAL C 261 -8.77 26.10 -15.03
CA VAL C 261 -9.60 25.79 -16.18
C VAL C 261 -10.13 24.37 -16.08
N LEU C 262 -9.22 23.42 -15.77
CA LEU C 262 -9.56 22.03 -15.65
C LEU C 262 -10.73 21.88 -14.69
N ALA C 263 -10.66 22.59 -13.55
CA ALA C 263 -11.61 22.41 -12.47
C ALA C 263 -13.02 22.83 -12.87
N GLN C 264 -13.13 23.74 -13.86
CA GLN C 264 -14.43 24.23 -14.33
C GLN C 264 -15.16 23.10 -15.04
N ARG C 265 -14.40 22.21 -15.73
CA ARG C 265 -14.93 21.01 -16.34
C ARG C 265 -16.01 21.36 -17.38
N LYS C 266 -15.68 22.26 -18.30
CA LYS C 266 -16.66 22.78 -19.25
C LYS C 266 -16.08 22.88 -20.65
N HIS C 267 -15.01 22.12 -20.92
CA HIS C 267 -14.42 22.06 -22.25
C HIS C 267 -14.31 20.60 -22.68
N ASP C 268 -14.36 20.37 -23.99
CA ASP C 268 -14.29 19.03 -24.54
C ASP C 268 -12.83 18.64 -24.79
N LEU C 269 -11.93 19.63 -24.83
CA LEU C 269 -10.53 19.41 -25.14
C LEU C 269 -9.68 20.44 -24.40
N TYR C 270 -8.72 19.95 -23.63
CA TYR C 270 -7.71 20.81 -23.00
C TYR C 270 -6.40 20.64 -23.76
N VAL C 271 -5.60 21.70 -23.80
CA VAL C 271 -4.35 21.70 -24.54
C VAL C 271 -3.21 21.99 -23.57
N ALA C 272 -2.44 20.95 -23.22
CA ALA C 272 -1.37 21.09 -22.25
C ALA C 272 -0.08 21.51 -22.95
N MET C 273 0.75 22.28 -22.23
CA MET C 273 2.01 22.76 -22.79
C MET C 273 3.14 21.77 -22.48
N LEU C 274 3.06 21.11 -21.32
CA LEU C 274 4.09 20.21 -20.86
C LEU C 274 3.48 18.84 -20.51
N HIS C 275 4.28 17.79 -20.70
CA HIS C 275 3.90 16.42 -20.38
C HIS C 275 3.10 16.37 -19.07
N ASP C 276 3.68 16.88 -17.98
CA ASP C 276 3.13 16.67 -16.66
C ASP C 276 1.79 17.37 -16.48
N GLN C 277 1.58 18.49 -17.18
CA GLN C 277 0.37 19.29 -16.99
C GLN C 277 -0.86 18.46 -17.34
N GLY C 278 -0.72 17.61 -18.35
CA GLY C 278 -1.81 16.82 -18.86
C GLY C 278 -1.81 15.40 -18.29
N HIS C 279 -0.63 14.90 -17.94
CA HIS C 279 -0.50 13.52 -17.49
C HIS C 279 -0.97 13.38 -16.03
N ILE C 280 -0.71 14.38 -15.18
CA ILE C 280 -1.06 14.30 -13.78
C ILE C 280 -2.57 14.14 -13.59
N PRO C 281 -3.43 15.00 -14.17
CA PRO C 281 -4.87 14.88 -13.97
C PRO C 281 -5.42 13.54 -14.48
N ILE C 282 -4.89 13.08 -15.61
CA ILE C 282 -5.42 11.92 -16.30
C ILE C 282 -5.19 10.66 -15.46
N LYS C 283 -3.95 10.49 -14.99
CA LYS C 283 -3.60 9.28 -14.24
C LYS C 283 -4.24 9.30 -12.87
N LEU C 284 -4.63 10.49 -12.38
CA LEU C 284 -5.22 10.62 -11.05
C LEU C 284 -6.67 10.17 -11.08
N LEU C 285 -7.40 10.60 -12.11
CA LEU C 285 -8.83 10.38 -12.21
C LEU C 285 -9.11 9.03 -12.85
N ALA C 286 -8.23 8.61 -13.78
CA ALA C 286 -8.43 7.37 -14.53
C ALA C 286 -7.16 6.53 -14.43
N PRO C 287 -6.84 6.00 -13.23
CA PRO C 287 -5.68 5.14 -13.02
C PRO C 287 -5.66 3.88 -13.88
N ASN C 288 -6.82 3.42 -14.36
CA ASN C 288 -6.76 2.34 -15.35
C ASN C 288 -7.63 2.51 -16.58
N GLY C 289 -8.42 3.58 -16.71
CA GLY C 289 -9.27 3.74 -17.89
C GLY C 289 -8.68 4.73 -18.91
N ALA C 290 -7.33 4.81 -18.98
CA ALA C 290 -6.69 5.91 -19.68
C ALA C 290 -6.16 5.44 -21.04
N SER C 291 -6.67 6.01 -22.12
CA SER C 291 -6.22 5.62 -23.44
C SER C 291 -5.22 6.66 -23.92
N ALA C 292 -4.19 6.21 -24.65
CA ALA C 292 -3.16 7.09 -25.18
C ALA C 292 -3.28 7.15 -26.69
N LEU C 293 -3.78 8.27 -27.23
CA LEU C 293 -3.97 8.43 -28.67
C LEU C 293 -2.78 9.20 -29.26
N SER C 294 -2.07 8.57 -30.21
CA SER C 294 -1.09 9.24 -31.02
C SER C 294 -1.80 9.75 -32.27
N ILE C 295 -1.67 11.07 -32.51
CA ILE C 295 -2.36 11.74 -33.60
C ILE C 295 -1.31 12.39 -34.50
N GLY C 296 -1.52 12.25 -35.82
CA GLY C 296 -0.60 12.75 -36.82
C GLY C 296 -1.20 12.50 -38.20
N GLY C 297 -1.27 13.54 -39.03
CA GLY C 297 -2.12 13.51 -40.21
C GLY C 297 -3.53 13.08 -39.83
N ARG C 298 -4.14 12.21 -40.65
CA ARG C 298 -5.50 11.74 -40.39
C ARG C 298 -5.50 10.51 -39.46
N VAL C 299 -4.31 10.04 -39.07
CA VAL C 299 -4.19 8.76 -38.40
C VAL C 299 -4.25 8.96 -36.88
N VAL C 300 -5.17 8.25 -36.25
CA VAL C 300 -5.30 8.24 -34.81
C VAL C 300 -5.03 6.82 -34.34
N LEU C 301 -3.94 6.62 -33.60
CA LEU C 301 -3.55 5.31 -33.14
C LEU C 301 -3.62 5.26 -31.62
N SER C 302 -4.37 4.30 -31.08
CA SER C 302 -4.43 4.10 -29.65
C SER C 302 -3.80 2.77 -29.27
N SER C 303 -2.96 2.81 -28.23
CA SER C 303 -2.53 1.59 -27.57
C SER C 303 -3.70 1.10 -26.70
N VAL C 304 -3.62 -0.18 -26.30
CA VAL C 304 -4.32 -0.64 -25.11
C VAL C 304 -3.44 -0.20 -23.94
N GLY C 305 -3.95 -0.09 -22.71
CA GLY C 305 -3.16 0.58 -21.67
C GLY C 305 -2.21 -0.34 -20.90
N HIS C 306 -1.73 -1.43 -21.51
CA HIS C 306 -1.09 -2.49 -20.75
C HIS C 306 -0.13 -3.29 -21.63
N GLY C 307 0.67 -4.12 -20.97
CA GLY C 307 1.76 -4.85 -21.58
C GLY C 307 1.30 -6.19 -22.11
N SER C 308 2.30 -6.91 -22.65
CA SER C 308 2.11 -8.11 -23.45
C SER C 308 1.83 -9.32 -22.56
N ALA C 309 2.13 -9.21 -21.27
CA ALA C 309 1.75 -10.21 -20.27
C ALA C 309 2.29 -11.59 -20.63
N MET C 310 3.60 -11.66 -20.85
CA MET C 310 4.24 -12.87 -21.36
C MET C 310 4.04 -14.05 -20.40
N ASP C 311 3.87 -13.76 -19.11
CA ASP C 311 3.67 -14.80 -18.11
C ASP C 311 2.40 -15.60 -18.38
N ILE C 312 1.35 -14.95 -18.92
CA ILE C 312 0.05 -15.59 -19.07
C ILE C 312 -0.26 -15.88 -20.53
N ALA C 313 0.62 -15.47 -21.45
CA ALA C 313 0.42 -15.72 -22.86
C ALA C 313 0.29 -17.22 -23.09
N GLY C 314 -0.74 -17.62 -23.82
CA GLY C 314 -0.98 -19.01 -24.13
C GLY C 314 -1.75 -19.75 -23.02
N ARG C 315 -1.90 -19.13 -21.84
CA ARG C 315 -2.46 -19.80 -20.68
C ARG C 315 -3.97 -19.55 -20.56
N GLY C 316 -4.49 -18.62 -21.35
CA GLY C 316 -5.94 -18.51 -21.58
C GLY C 316 -6.63 -17.81 -20.43
N VAL C 317 -5.99 -16.79 -19.86
CA VAL C 317 -6.51 -16.08 -18.71
C VAL C 317 -6.46 -14.58 -18.97
N ALA C 318 -6.32 -14.14 -20.23
CA ALA C 318 -6.26 -12.72 -20.53
C ALA C 318 -7.65 -12.15 -20.83
N ASP C 319 -7.86 -10.89 -20.43
CA ASP C 319 -9.16 -10.23 -20.46
C ASP C 319 -9.10 -9.16 -21.55
N ALA C 320 -10.20 -8.99 -22.30
CA ALA C 320 -10.21 -8.07 -23.43
C ALA C 320 -10.76 -6.70 -23.03
N THR C 321 -11.10 -6.52 -21.74
CA THR C 321 -11.82 -5.32 -21.30
C THR C 321 -11.11 -4.07 -21.80
N ALA C 322 -9.79 -4.01 -21.59
CA ALA C 322 -9.03 -2.82 -21.96
C ALA C 322 -9.08 -2.64 -23.47
N LEU C 323 -9.02 -3.75 -24.22
CA LEU C 323 -9.15 -3.66 -25.66
C LEU C 323 -10.55 -3.14 -26.01
N LEU C 324 -11.60 -3.73 -25.43
CA LEU C 324 -12.97 -3.34 -25.75
C LEU C 324 -13.23 -1.88 -25.40
N ARG C 325 -12.63 -1.39 -24.30
CA ARG C 325 -12.78 -0.01 -23.87
C ARG C 325 -12.21 0.92 -24.95
N THR C 326 -11.10 0.50 -25.56
CA THR C 326 -10.39 1.29 -26.57
C THR C 326 -11.21 1.33 -27.87
N ILE C 327 -11.80 0.19 -28.24
CA ILE C 327 -12.65 0.08 -29.40
C ILE C 327 -13.86 0.99 -29.21
N ALA C 328 -14.44 0.97 -27.99
CA ALA C 328 -15.62 1.78 -27.68
C ALA C 328 -15.28 3.25 -27.84
N LEU C 329 -14.03 3.62 -27.52
CA LEU C 329 -13.59 5.00 -27.55
C LEU C 329 -13.40 5.50 -28.98
N LEU C 330 -12.65 4.74 -29.78
CA LEU C 330 -12.36 5.11 -31.15
C LEU C 330 -13.52 4.77 -32.10
N GLY C 331 -14.62 4.19 -31.59
CA GLY C 331 -15.71 3.76 -32.44
C GLY C 331 -17.05 4.31 -31.98
N PRO C 334 -20.20 11.43 -34.64
CA PRO C 334 -21.07 10.66 -35.52
C PRO C 334 -20.27 9.80 -36.49
N MET D 21 -22.67 -25.18 -11.41
CA MET D 21 -22.65 -23.97 -10.57
C MET D 21 -21.70 -24.23 -9.39
N THR D 22 -21.97 -25.24 -8.54
CA THR D 22 -21.21 -25.42 -7.31
C THR D 22 -19.96 -26.26 -7.61
N ILE D 23 -18.79 -25.73 -7.25
CA ILE D 23 -17.54 -26.39 -7.59
C ILE D 23 -16.69 -26.64 -6.35
N VAL D 24 -17.04 -26.03 -5.20
CA VAL D 24 -16.25 -26.14 -3.98
C VAL D 24 -17.01 -26.98 -2.97
N HIS D 25 -16.55 -28.20 -2.71
CA HIS D 25 -17.27 -29.12 -1.85
C HIS D 25 -16.48 -29.42 -0.59
N ARG D 26 -15.47 -28.58 -0.29
CA ARG D 26 -14.51 -28.87 0.78
C ARG D 26 -13.74 -27.62 1.20
N ARG D 27 -13.21 -27.63 2.42
CA ARG D 27 -12.40 -26.55 2.95
C ARG D 27 -11.06 -26.49 2.24
N LEU D 28 -10.68 -25.28 1.78
CA LEU D 28 -9.43 -25.10 1.05
C LEU D 28 -8.71 -23.87 1.59
N ALA D 29 -7.37 -23.93 1.53
CA ALA D 29 -6.54 -22.75 1.72
C ALA D 29 -6.16 -22.21 0.35
N LEU D 30 -6.19 -20.87 0.22
CA LEU D 30 -5.69 -20.18 -0.96
C LEU D 30 -4.62 -19.18 -0.51
N ALA D 31 -3.35 -19.49 -0.79
CA ALA D 31 -2.27 -18.54 -0.63
C ALA D 31 -2.22 -17.65 -1.86
N ILE D 32 -2.15 -16.33 -1.66
CA ILE D 32 -2.35 -15.38 -2.74
C ILE D 32 -1.07 -15.13 -3.53
N GLY D 33 0.00 -15.87 -3.22
CA GLY D 33 1.22 -15.79 -4.00
C GLY D 33 1.83 -14.40 -3.90
N ASP D 34 2.56 -14.00 -4.94
CA ASP D 34 3.33 -12.78 -4.88
C ASP D 34 2.36 -11.59 -4.80
N PRO D 35 2.42 -10.79 -3.72
CA PRO D 35 1.44 -9.73 -3.50
C PRO D 35 1.58 -8.52 -4.42
N HIS D 36 2.65 -8.52 -5.22
CA HIS D 36 2.88 -7.50 -6.23
C HIS D 36 2.40 -7.99 -7.61
N GLY D 37 2.11 -9.29 -7.73
CA GLY D 37 1.68 -9.85 -9.00
C GLY D 37 0.17 -9.88 -9.11
N ILE D 38 -0.36 -10.71 -10.02
CA ILE D 38 -1.79 -10.76 -10.27
C ILE D 38 -2.49 -11.67 -9.27
N GLY D 39 -1.71 -12.35 -8.42
CA GLY D 39 -2.25 -13.33 -7.48
C GLY D 39 -3.42 -12.78 -6.67
N PRO D 40 -3.22 -11.65 -5.95
CA PRO D 40 -4.30 -11.03 -5.20
C PRO D 40 -5.56 -10.78 -6.01
N GLU D 41 -5.39 -10.28 -7.24
CA GLU D 41 -6.51 -9.91 -8.08
C GLU D 41 -7.33 -11.12 -8.49
N ILE D 42 -6.66 -12.18 -8.95
CA ILE D 42 -7.32 -13.40 -9.38
C ILE D 42 -7.94 -14.11 -8.17
N ALA D 43 -7.31 -14.00 -7.00
CA ALA D 43 -7.92 -14.52 -5.78
C ALA D 43 -9.30 -13.91 -5.58
N LEU D 44 -9.39 -12.57 -5.64
CA LEU D 44 -10.64 -11.88 -5.45
C LEU D 44 -11.61 -12.23 -6.57
N LYS D 45 -11.14 -12.30 -7.82
CA LYS D 45 -12.03 -12.50 -8.97
C LYS D 45 -12.61 -13.92 -8.95
N ALA D 46 -11.82 -14.89 -8.46
CA ALA D 46 -12.29 -16.27 -8.32
C ALA D 46 -13.36 -16.36 -7.22
N LEU D 47 -13.07 -15.80 -6.04
CA LEU D 47 -13.97 -15.84 -4.91
C LEU D 47 -15.27 -15.13 -5.24
N GLN D 48 -15.17 -14.00 -5.94
CA GLN D 48 -16.32 -13.21 -6.38
C GLN D 48 -17.36 -14.09 -7.07
N GLN D 49 -16.92 -15.10 -7.82
CA GLN D 49 -17.81 -15.87 -8.68
C GLN D 49 -18.46 -17.04 -7.96
N LEU D 50 -18.07 -17.30 -6.70
CA LEU D 50 -18.62 -18.43 -5.97
C LEU D 50 -19.82 -17.95 -5.18
N SER D 51 -20.54 -18.89 -4.57
CA SER D 51 -21.66 -18.56 -3.70
C SER D 51 -21.13 -18.13 -2.34
N ALA D 52 -22.03 -17.68 -1.46
CA ALA D 52 -21.69 -17.37 -0.08
C ALA D 52 -21.15 -18.62 0.60
N THR D 53 -21.86 -19.73 0.41
CA THR D 53 -21.52 -21.02 0.99
C THR D 53 -20.12 -21.44 0.56
N GLU D 54 -19.86 -21.40 -0.76
CA GLU D 54 -18.56 -21.79 -1.30
C GLU D 54 -17.44 -20.93 -0.73
N ARG D 55 -17.69 -19.63 -0.59
CA ARG D 55 -16.67 -18.67 -0.18
C ARG D 55 -16.25 -18.90 1.26
N SER D 56 -17.15 -19.46 2.07
CA SER D 56 -16.84 -19.67 3.48
C SER D 56 -16.01 -20.93 3.67
N LEU D 57 -15.90 -21.75 2.61
CA LEU D 57 -15.07 -22.95 2.62
C LEU D 57 -13.63 -22.63 2.21
N ILE D 58 -13.37 -21.44 1.67
CA ILE D 58 -12.03 -21.08 1.22
C ILE D 58 -11.43 -20.03 2.17
N LYS D 59 -10.32 -20.39 2.82
CA LYS D 59 -9.63 -19.47 3.71
C LYS D 59 -8.39 -18.91 3.00
N VAL D 60 -8.27 -17.58 2.96
CA VAL D 60 -7.25 -16.88 2.20
C VAL D 60 -6.07 -16.48 3.08
N TYR D 61 -4.86 -16.91 2.67
CA TYR D 61 -3.65 -16.61 3.40
C TYR D 61 -2.83 -15.60 2.61
N GLY D 62 -2.37 -14.53 3.27
CA GLY D 62 -1.63 -13.47 2.59
C GLY D 62 -1.81 -12.11 3.28
N PRO D 63 -1.05 -11.09 2.86
CA PRO D 63 -1.12 -9.77 3.48
C PRO D 63 -2.42 -9.07 3.10
N TRP D 64 -3.08 -8.49 4.09
CA TRP D 64 -4.40 -7.90 3.88
C TRP D 64 -4.29 -6.64 3.02
N SER D 65 -3.14 -5.96 3.12
CA SER D 65 -2.87 -4.76 2.32
C SER D 65 -2.98 -5.08 0.83
N ALA D 66 -2.52 -6.26 0.42
CA ALA D 66 -2.51 -6.63 -0.98
C ALA D 66 -3.93 -6.86 -1.46
N LEU D 67 -4.76 -7.44 -0.59
CA LEU D 67 -6.14 -7.73 -0.93
C LEU D 67 -6.94 -6.44 -1.00
N GLU D 68 -6.61 -5.47 -0.13
CA GLU D 68 -7.24 -4.16 -0.13
C GLU D 68 -6.93 -3.41 -1.44
N GLN D 69 -5.64 -3.47 -1.83
CA GLN D 69 -5.18 -2.90 -3.09
C GLN D 69 -6.02 -3.45 -4.24
N ALA D 70 -6.05 -4.78 -4.38
CA ALA D 70 -6.72 -5.41 -5.51
C ALA D 70 -8.23 -5.17 -5.46
N ALA D 71 -8.77 -4.87 -4.27
CA ALA D 71 -10.19 -4.55 -4.13
C ALA D 71 -10.50 -3.16 -4.72
N GLN D 72 -9.64 -2.17 -4.44
CA GLN D 72 -9.78 -0.84 -5.03
C GLN D 72 -9.82 -0.91 -6.56
N ILE D 73 -8.81 -1.59 -7.14
CA ILE D 73 -8.59 -1.61 -8.57
C ILE D 73 -9.77 -2.27 -9.30
N CYS D 74 -10.15 -3.48 -8.84
CA CYS D 74 -11.21 -4.27 -9.46
C CYS D 74 -12.60 -3.84 -8.95
N GLN D 75 -12.63 -2.98 -7.92
CA GLN D 75 -13.86 -2.40 -7.42
C GLN D 75 -14.71 -3.46 -6.70
N MET D 76 -14.08 -4.19 -5.79
CA MET D 76 -14.71 -5.31 -5.10
C MET D 76 -14.51 -5.16 -3.59
N GLU D 77 -14.62 -3.94 -3.06
CA GLU D 77 -14.40 -3.71 -1.64
C GLU D 77 -15.48 -4.44 -0.85
N SER D 78 -16.70 -4.54 -1.41
CA SER D 78 -17.80 -5.18 -0.73
C SER D 78 -17.44 -6.63 -0.41
N LEU D 79 -16.60 -7.25 -1.25
CA LEU D 79 -16.28 -8.66 -1.13
C LEU D 79 -15.38 -8.95 0.08
N LEU D 80 -14.56 -7.99 0.52
CA LEU D 80 -13.59 -8.23 1.58
C LEU D 80 -14.31 -8.58 2.89
N GLN D 81 -15.49 -7.96 3.09
CA GLN D 81 -16.35 -8.25 4.23
C GLN D 81 -16.55 -9.76 4.39
N ASP D 82 -16.89 -10.44 3.29
CA ASP D 82 -17.30 -11.83 3.31
C ASP D 82 -16.13 -12.82 3.44
N LEU D 83 -14.89 -12.32 3.39
CA LEU D 83 -13.77 -13.21 3.12
C LEU D 83 -13.29 -13.85 4.42
N ILE D 84 -13.02 -15.17 4.39
CA ILE D 84 -12.35 -15.80 5.51
C ILE D 84 -10.86 -15.63 5.27
N HIS D 85 -10.13 -15.10 6.25
CA HIS D 85 -8.78 -14.62 6.03
C HIS D 85 -7.89 -14.82 7.27
N GLU D 86 -6.60 -15.10 7.01
CA GLU D 86 -5.55 -15.07 8.01
C GLU D 86 -4.37 -14.27 7.44
N GLU D 87 -3.94 -13.24 8.18
CA GLU D 87 -2.79 -12.46 7.81
C GLU D 87 -1.55 -13.36 7.76
N ALA D 88 -0.88 -13.38 6.61
CA ALA D 88 0.41 -14.03 6.46
C ALA D 88 1.27 -13.24 5.48
N GLY D 89 2.58 -13.24 5.70
CA GLY D 89 3.51 -12.56 4.81
C GLY D 89 3.20 -11.06 4.76
N SER D 90 3.02 -10.46 5.95
CA SER D 90 2.75 -9.04 6.02
C SER D 90 3.91 -8.29 5.39
N LEU D 91 3.63 -7.09 4.86
CA LEU D 91 4.62 -6.21 4.28
C LEU D 91 4.97 -5.07 5.24
N ALA D 92 6.16 -4.47 5.07
CA ALA D 92 6.61 -3.35 5.88
C ALA D 92 6.37 -2.00 5.19
N GLN D 93 5.83 -2.05 3.97
CA GLN D 93 5.58 -0.85 3.18
C GLN D 93 4.36 -1.09 2.31
N PRO D 94 3.77 -0.03 1.74
CA PRO D 94 2.73 -0.20 0.73
C PRO D 94 3.12 -1.17 -0.39
N VAL D 95 2.09 -1.77 -0.98
CA VAL D 95 2.22 -2.68 -2.11
C VAL D 95 2.71 -1.88 -3.32
N GLN D 96 3.60 -2.50 -4.10
CA GLN D 96 4.08 -1.93 -5.35
C GLN D 96 3.73 -2.86 -6.51
N CYS D 97 2.50 -2.75 -7.02
CA CYS D 97 2.04 -3.57 -8.12
C CYS D 97 3.03 -3.51 -9.28
N GLY D 98 3.44 -4.68 -9.78
CA GLY D 98 4.32 -4.77 -10.92
C GLY D 98 5.79 -4.91 -10.56
N GLU D 99 6.18 -4.47 -9.36
CA GLU D 99 7.58 -4.45 -8.96
C GLU D 99 8.03 -5.79 -8.40
N ILE D 100 9.25 -6.20 -8.77
CA ILE D 100 9.93 -7.35 -8.19
C ILE D 100 10.73 -6.88 -6.97
N THR D 101 10.38 -7.34 -5.77
CA THR D 101 11.06 -6.92 -4.56
C THR D 101 11.24 -8.13 -3.64
N PRO D 102 12.34 -8.20 -2.88
CA PRO D 102 12.60 -9.31 -1.96
C PRO D 102 11.49 -9.48 -0.93
N GLN D 103 10.85 -8.37 -0.54
CA GLN D 103 9.81 -8.41 0.46
C GLN D 103 8.62 -9.22 -0.07
N ALA D 104 8.26 -8.96 -1.33
CA ALA D 104 7.20 -9.70 -1.99
C ALA D 104 7.57 -11.18 -2.07
N GLY D 105 8.87 -11.45 -2.24
CA GLY D 105 9.37 -12.81 -2.30
C GLY D 105 9.14 -13.57 -1.00
N LEU D 106 9.55 -12.96 0.12
CA LEU D 106 9.31 -13.52 1.43
C LEU D 106 7.81 -13.70 1.65
N SER D 107 7.02 -12.66 1.36
CA SER D 107 5.58 -12.68 1.53
C SER D 107 5.00 -13.95 0.91
N THR D 108 5.43 -14.23 -0.34
CA THR D 108 4.97 -15.39 -1.09
C THR D 108 5.15 -16.66 -0.28
N VAL D 109 6.38 -16.89 0.19
CA VAL D 109 6.75 -18.12 0.84
C VAL D 109 6.04 -18.24 2.18
N GLN D 110 5.79 -17.11 2.85
CA GLN D 110 5.17 -17.10 4.17
C GLN D 110 3.69 -17.48 4.06
N SER D 111 3.02 -16.95 3.04
CA SER D 111 1.62 -17.23 2.77
C SER D 111 1.42 -18.70 2.48
N ALA D 112 2.25 -19.22 1.59
CA ALA D 112 2.20 -20.63 1.22
C ALA D 112 2.47 -21.51 2.44
N THR D 113 3.38 -21.07 3.31
CA THR D 113 3.76 -21.82 4.50
C THR D 113 2.59 -21.82 5.49
N ALA D 114 1.99 -20.65 5.70
CA ALA D 114 0.81 -20.54 6.54
C ALA D 114 -0.27 -21.46 6.04
N ALA D 115 -0.49 -21.47 4.72
CA ALA D 115 -1.53 -22.27 4.11
C ALA D 115 -1.24 -23.76 4.30
N ILE D 116 0.01 -24.14 4.04
CA ILE D 116 0.40 -25.54 4.11
C ILE D 116 0.22 -26.05 5.54
N ARG D 117 0.49 -25.20 6.55
CA ARG D 117 0.44 -25.62 7.95
C ARG D 117 -1.02 -25.77 8.40
N ALA D 118 -1.91 -24.96 7.81
CA ALA D 118 -3.33 -25.09 8.07
C ALA D 118 -3.87 -26.41 7.53
N CYS D 119 -3.25 -26.88 6.43
CA CYS D 119 -3.60 -28.17 5.85
C CYS D 119 -3.00 -29.29 6.70
N GLU D 120 -1.75 -29.10 7.15
CA GLU D 120 -1.09 -30.07 8.02
C GLU D 120 -1.93 -30.29 9.28
N SER D 121 -2.37 -29.19 9.90
CA SER D 121 -3.10 -29.25 11.16
C SER D 121 -4.50 -29.80 10.99
N GLY D 122 -5.05 -29.77 9.76
CA GLY D 122 -6.38 -30.29 9.52
C GLY D 122 -7.45 -29.20 9.46
N GLU D 123 -7.03 -27.94 9.53
CA GLU D 123 -7.97 -26.84 9.45
C GLU D 123 -8.58 -26.79 8.05
N VAL D 124 -7.79 -27.13 7.02
CA VAL D 124 -8.26 -27.26 5.65
C VAL D 124 -7.79 -28.60 5.09
N ASP D 125 -8.32 -28.98 3.92
CA ASP D 125 -8.12 -30.31 3.38
C ASP D 125 -7.22 -30.30 2.16
N ALA D 126 -6.99 -29.14 1.57
CA ALA D 126 -6.03 -29.01 0.48
C ALA D 126 -5.67 -27.54 0.24
N VAL D 127 -4.64 -27.28 -0.57
CA VAL D 127 -4.04 -25.95 -0.67
C VAL D 127 -3.85 -25.58 -2.13
N ILE D 128 -4.15 -24.32 -2.46
CA ILE D 128 -3.93 -23.77 -3.78
C ILE D 128 -3.00 -22.57 -3.64
N ALA D 129 -1.95 -22.51 -4.49
CA ALA D 129 -1.03 -21.39 -4.46
C ALA D 129 -1.16 -20.54 -5.73
N CYS D 130 -1.51 -19.26 -5.56
CA CYS D 130 -1.52 -18.31 -6.65
C CYS D 130 -0.07 -18.07 -7.04
N PRO D 131 0.18 -17.43 -8.20
CA PRO D 131 1.54 -17.36 -8.74
C PRO D 131 2.60 -16.67 -7.90
N HIS D 132 3.79 -17.28 -7.87
CA HIS D 132 4.99 -16.69 -7.29
C HIS D 132 5.80 -16.00 -8.39
N HIS D 133 6.84 -15.26 -7.96
CA HIS D 133 7.91 -14.81 -8.85
C HIS D 133 9.24 -15.29 -8.29
N GLU D 134 9.97 -16.11 -9.07
CA GLU D 134 11.16 -16.79 -8.57
C GLU D 134 12.28 -15.79 -8.24
N THR D 135 12.46 -14.80 -9.10
CA THR D 135 13.52 -13.81 -8.89
C THR D 135 13.28 -13.15 -7.53
N ALA D 136 12.02 -12.83 -7.26
CA ALA D 136 11.64 -12.16 -6.02
C ALA D 136 12.06 -13.03 -4.84
N ILE D 137 11.72 -14.31 -4.91
CA ILE D 137 12.02 -15.22 -3.82
C ILE D 137 13.53 -15.34 -3.68
N HIS D 138 14.25 -15.38 -4.80
CA HIS D 138 15.69 -15.59 -4.78
C HIS D 138 16.38 -14.40 -4.12
N ARG D 139 15.91 -13.19 -4.44
CA ARG D 139 16.51 -11.97 -3.91
C ARG D 139 16.24 -11.82 -2.42
N ALA D 140 15.24 -12.54 -1.90
CA ALA D 140 14.99 -12.58 -0.47
C ALA D 140 15.99 -13.53 0.21
N GLY D 141 16.82 -14.21 -0.57
CA GLY D 141 17.80 -15.12 -0.02
C GLY D 141 17.20 -16.48 0.33
N ILE D 142 16.12 -16.88 -0.36
CA ILE D 142 15.42 -18.12 -0.08
C ILE D 142 15.58 -19.10 -1.24
N ALA D 143 15.95 -20.34 -0.90
CA ALA D 143 16.05 -21.43 -1.87
C ALA D 143 14.64 -21.87 -2.31
N PHE D 144 14.35 -21.77 -3.60
CA PHE D 144 13.06 -22.20 -4.11
C PHE D 144 13.23 -22.88 -5.47
N SER D 145 12.97 -24.19 -5.49
CA SER D 145 13.10 -25.05 -6.65
C SER D 145 11.76 -25.72 -6.96
N GLY D 146 10.63 -25.05 -6.69
CA GLY D 146 9.32 -25.65 -6.92
C GLY D 146 8.58 -26.00 -5.63
N TYR D 147 7.27 -26.28 -5.79
CA TYR D 147 6.36 -26.47 -4.67
C TYR D 147 6.59 -27.82 -4.03
N PRO D 148 6.94 -28.91 -4.77
CA PRO D 148 7.33 -30.18 -4.14
C PRO D 148 8.36 -29.99 -3.04
N SER D 149 9.38 -29.18 -3.36
CA SER D 149 10.48 -28.89 -2.45
C SER D 149 9.98 -28.16 -1.22
N LEU D 150 9.29 -27.05 -1.46
CA LEU D 150 8.83 -26.19 -0.38
C LEU D 150 8.01 -27.03 0.60
N LEU D 151 7.11 -27.85 0.04
CA LEU D 151 6.20 -28.67 0.82
C LEU D 151 6.98 -29.55 1.79
N ALA D 152 8.08 -30.14 1.31
CA ALA D 152 8.93 -31.04 2.08
C ALA D 152 9.60 -30.29 3.25
N ASN D 153 10.27 -29.19 2.90
CA ASN D 153 10.98 -28.36 3.88
C ASN D 153 10.03 -27.94 5.00
N VAL D 154 8.80 -27.53 4.63
CA VAL D 154 7.85 -26.99 5.60
C VAL D 154 7.32 -28.10 6.51
N LEU D 155 7.09 -29.29 5.93
CA LEU D 155 6.50 -30.40 6.67
C LEU D 155 7.57 -31.21 7.40
N GLY D 156 8.85 -31.01 7.08
CA GLY D 156 9.94 -31.73 7.73
C GLY D 156 10.11 -33.14 7.15
N MET D 157 10.13 -33.22 5.82
CA MET D 157 10.21 -34.47 5.08
C MET D 157 11.33 -34.35 4.05
N ASN D 158 11.89 -35.50 3.67
CA ASN D 158 12.81 -35.55 2.55
C ASN D 158 12.00 -35.29 1.29
N GLU D 159 12.66 -34.67 0.29
CA GLU D 159 12.00 -34.30 -0.95
C GLU D 159 11.54 -35.54 -1.72
N ASP D 160 12.13 -36.71 -1.43
CA ASP D 160 11.76 -37.97 -2.06
C ASP D 160 10.49 -38.56 -1.45
N GLU D 161 10.08 -38.05 -0.28
CA GLU D 161 8.85 -38.48 0.41
C GLU D 161 7.66 -37.59 0.03
N VAL D 162 7.90 -36.66 -0.90
CA VAL D 162 6.84 -35.91 -1.56
C VAL D 162 6.81 -36.37 -3.02
N PHE D 163 5.58 -36.63 -3.48
CA PHE D 163 5.38 -37.11 -4.84
C PHE D 163 4.66 -36.03 -5.62
N LEU D 164 4.88 -36.02 -6.94
CA LEU D 164 4.20 -35.08 -7.83
C LEU D 164 3.22 -35.84 -8.72
N MET D 165 1.94 -35.46 -8.68
CA MET D 165 0.95 -35.99 -9.58
C MET D 165 0.61 -34.91 -10.61
N LEU D 166 0.76 -35.22 -11.92
CA LEU D 166 0.25 -34.35 -12.97
C LEU D 166 -1.16 -34.82 -13.35
N VAL D 167 -2.04 -33.84 -13.60
CA VAL D 167 -3.43 -34.10 -13.97
C VAL D 167 -3.75 -33.23 -15.19
N GLY D 168 -4.30 -33.86 -16.22
CA GLY D 168 -4.56 -33.16 -17.46
C GLY D 168 -5.08 -34.12 -18.52
N ALA D 169 -6.15 -33.70 -19.20
CA ALA D 169 -6.77 -34.46 -20.27
C ALA D 169 -7.18 -35.87 -19.81
N GLY D 170 -7.83 -35.97 -18.64
CA GLY D 170 -8.34 -37.25 -18.14
C GLY D 170 -7.26 -38.13 -17.49
N LEU D 171 -5.97 -37.79 -17.67
CA LEU D 171 -4.86 -38.58 -17.14
C LEU D 171 -4.47 -38.05 -15.76
N ARG D 172 -4.24 -38.99 -14.83
CA ARG D 172 -3.61 -38.69 -13.56
C ARG D 172 -2.40 -39.58 -13.42
N ILE D 173 -1.21 -38.98 -13.27
CA ILE D 173 0.04 -39.73 -13.20
C ILE D 173 0.88 -39.26 -12.02
N VAL D 174 0.93 -40.05 -10.94
CA VAL D 174 1.84 -39.83 -9.83
C VAL D 174 3.21 -40.38 -10.26
N HIS D 175 4.29 -39.70 -9.84
CA HIS D 175 5.64 -40.12 -10.17
C HIS D 175 6.33 -40.61 -8.89
N VAL D 176 7.04 -41.75 -8.95
CA VAL D 176 7.62 -42.33 -7.76
C VAL D 176 8.97 -41.67 -7.50
N THR D 177 9.69 -41.36 -8.59
CA THR D 177 10.88 -40.53 -8.56
C THR D 177 10.61 -39.33 -9.47
N LEU D 178 11.42 -38.29 -9.33
CA LEU D 178 11.14 -37.05 -10.03
C LEU D 178 12.45 -36.43 -10.51
N HIS D 179 12.86 -35.34 -9.87
CA HIS D 179 13.85 -34.46 -10.46
C HIS D 179 15.24 -34.95 -10.06
N GLU D 180 15.67 -36.07 -10.67
CA GLU D 180 16.99 -36.63 -10.44
C GLU D 180 17.41 -37.40 -11.68
N SER D 181 18.71 -37.76 -11.79
CA SER D 181 19.18 -38.50 -12.95
C SER D 181 18.49 -39.85 -12.98
N VAL D 182 18.37 -40.44 -14.17
CA VAL D 182 17.66 -41.69 -14.36
C VAL D 182 18.33 -42.77 -13.52
N ARG D 183 19.68 -42.81 -13.58
CA ARG D 183 20.46 -43.78 -12.84
C ARG D 183 20.18 -43.62 -11.35
N SER D 184 20.29 -42.38 -10.86
CA SER D 184 20.06 -42.06 -9.46
C SER D 184 18.68 -42.51 -8.99
N ALA D 185 17.67 -42.41 -9.87
CA ALA D 185 16.30 -42.84 -9.61
C ALA D 185 16.20 -44.37 -9.49
N LEU D 186 16.86 -45.09 -10.40
CA LEU D 186 16.87 -46.54 -10.38
C LEU D 186 17.56 -47.03 -9.10
N GLU D 187 18.64 -46.35 -8.68
CA GLU D 187 19.35 -46.72 -7.46
C GLU D 187 18.36 -46.63 -6.28
N ARG D 188 17.44 -45.67 -6.32
CA ARG D 188 16.57 -45.36 -5.19
C ARG D 188 15.27 -46.17 -5.20
N LEU D 189 14.85 -46.66 -6.38
CA LEU D 189 13.57 -47.36 -6.50
C LEU D 189 13.55 -48.58 -5.59
N SER D 190 12.42 -48.79 -4.93
CA SER D 190 12.21 -49.92 -4.05
C SER D 190 10.73 -50.29 -4.03
N PRO D 191 10.36 -51.52 -3.62
CA PRO D 191 8.95 -51.87 -3.41
C PRO D 191 8.20 -50.85 -2.54
N GLN D 192 8.85 -50.41 -1.46
CA GLN D 192 8.24 -49.52 -0.49
C GLN D 192 7.98 -48.15 -1.11
N LEU D 193 8.97 -47.63 -1.83
CA LEU D 193 8.86 -46.31 -2.42
C LEU D 193 7.65 -46.27 -3.35
N VAL D 194 7.44 -47.33 -4.13
CA VAL D 194 6.31 -47.41 -5.03
C VAL D 194 5.00 -47.46 -4.24
N ILE D 195 4.93 -48.35 -3.25
CA ILE D 195 3.75 -48.48 -2.41
C ILE D 195 3.37 -47.12 -1.84
N ASN D 196 4.38 -46.39 -1.34
CA ASN D 196 4.18 -45.06 -0.77
C ASN D 196 3.52 -44.13 -1.77
N ALA D 197 4.02 -44.13 -3.01
CA ALA D 197 3.52 -43.24 -4.05
C ALA D 197 2.06 -43.54 -4.34
N VAL D 198 1.71 -44.82 -4.39
CA VAL D 198 0.36 -45.23 -4.72
C VAL D 198 -0.58 -44.84 -3.58
N ASP D 199 -0.17 -45.09 -2.33
CA ASP D 199 -0.95 -44.74 -1.15
C ASP D 199 -1.21 -43.23 -1.13
N ALA D 200 -0.18 -42.43 -1.44
CA ALA D 200 -0.33 -40.99 -1.50
C ALA D 200 -1.29 -40.60 -2.61
N ALA D 201 -1.12 -41.16 -3.81
CA ALA D 201 -1.94 -40.84 -4.97
C ALA D 201 -3.39 -41.28 -4.77
N VAL D 202 -3.60 -42.42 -4.09
CA VAL D 202 -4.95 -42.96 -3.91
C VAL D 202 -5.71 -42.03 -2.96
N GLN D 203 -5.10 -41.69 -1.82
CA GLN D 203 -5.66 -40.73 -0.89
C GLN D 203 -6.03 -39.46 -1.67
N THR D 204 -5.12 -38.99 -2.53
CA THR D 204 -5.33 -37.79 -3.33
C THR D 204 -6.48 -37.98 -4.33
N CYS D 205 -6.67 -39.20 -4.85
CA CYS D 205 -7.77 -39.46 -5.79
C CYS D 205 -9.12 -39.31 -5.11
N THR D 206 -9.21 -39.67 -3.82
CA THR D 206 -10.43 -39.46 -3.03
C THR D 206 -10.82 -37.99 -3.06
N LEU D 207 -9.83 -37.12 -2.85
CA LEU D 207 -10.01 -35.68 -2.84
C LEU D 207 -10.45 -35.21 -4.22
N LEU D 208 -9.93 -35.82 -5.29
CA LEU D 208 -10.19 -35.35 -6.64
C LEU D 208 -11.56 -35.82 -7.15
N GLY D 209 -12.23 -36.71 -6.40
CA GLY D 209 -13.61 -37.07 -6.65
C GLY D 209 -13.78 -38.50 -7.19
N VAL D 210 -12.72 -39.33 -7.07
CA VAL D 210 -12.69 -40.69 -7.57
C VAL D 210 -12.34 -41.60 -6.40
N PRO D 211 -13.34 -42.03 -5.59
CA PRO D 211 -13.10 -42.78 -4.36
C PRO D 211 -12.26 -44.04 -4.53
N LYS D 212 -12.73 -44.96 -5.39
CA LYS D 212 -12.13 -46.28 -5.49
C LYS D 212 -11.58 -46.50 -6.90
N PRO D 213 -10.37 -45.97 -7.21
CA PRO D 213 -9.88 -45.92 -8.58
C PRO D 213 -9.19 -47.16 -9.16
N GLN D 214 -9.20 -47.24 -10.49
CA GLN D 214 -8.45 -48.24 -11.22
C GLN D 214 -6.99 -47.77 -11.36
N VAL D 215 -6.03 -48.58 -10.95
CA VAL D 215 -4.63 -48.18 -10.93
C VAL D 215 -3.80 -49.03 -11.89
N ALA D 216 -2.94 -48.35 -12.68
CA ALA D 216 -1.96 -49.01 -13.52
C ALA D 216 -0.56 -48.58 -13.13
N VAL D 217 0.32 -49.57 -12.94
CA VAL D 217 1.70 -49.32 -12.55
C VAL D 217 2.59 -49.55 -13.76
N PHE D 218 3.31 -48.50 -14.16
CA PHE D 218 4.29 -48.56 -15.23
C PHE D 218 5.43 -49.48 -14.85
N GLY D 219 5.98 -50.18 -15.85
CA GLY D 219 7.24 -50.89 -15.73
C GLY D 219 8.42 -49.91 -15.70
N ILE D 220 9.46 -50.30 -14.97
CA ILE D 220 10.71 -49.56 -14.98
C ILE D 220 11.34 -49.74 -16.35
N ASN D 221 11.43 -50.99 -16.79
CA ASN D 221 12.10 -51.30 -18.04
C ASN D 221 11.06 -51.40 -19.15
N PRO D 222 11.50 -51.30 -20.41
CA PRO D 222 10.66 -51.60 -21.55
C PRO D 222 9.86 -52.88 -21.37
N HIS D 223 8.58 -52.84 -21.77
CA HIS D 223 7.69 -53.99 -21.77
C HIS D 223 7.60 -54.56 -20.34
N ALA D 224 7.81 -53.72 -19.33
CA ALA D 224 7.85 -54.08 -17.92
C ALA D 224 8.86 -55.20 -17.64
N SER D 225 10.03 -55.12 -18.31
CA SER D 225 11.12 -56.09 -18.17
C SER D 225 10.90 -57.35 -19.00
N GLU D 226 9.68 -57.60 -19.45
CA GLU D 226 9.32 -58.77 -20.24
C GLU D 226 9.65 -60.04 -19.46
N GLY D 227 9.10 -60.11 -18.24
CA GLY D 227 9.45 -61.12 -17.28
C GLY D 227 10.71 -60.65 -16.58
N GLN D 228 11.85 -61.20 -17.03
CA GLN D 228 13.18 -60.74 -16.62
C GLN D 228 14.11 -60.61 -17.82
N LEU D 229 13.56 -60.60 -19.03
CA LEU D 229 14.32 -60.70 -20.26
C LEU D 229 15.05 -59.37 -20.51
N PHE D 230 14.45 -58.26 -20.07
CA PHE D 230 15.02 -56.93 -20.23
C PHE D 230 15.32 -56.32 -18.87
N GLY D 231 15.97 -57.09 -17.98
CA GLY D 231 16.40 -56.58 -16.69
C GLY D 231 15.59 -57.17 -15.56
N LEU D 232 16.17 -57.13 -14.36
CA LEU D 232 15.59 -57.78 -13.20
C LEU D 232 14.74 -56.81 -12.38
N GLU D 233 14.81 -55.50 -12.67
CA GLU D 233 14.31 -54.48 -11.77
C GLU D 233 12.81 -54.67 -11.48
N ASP D 234 12.01 -55.03 -12.49
CA ASP D 234 10.57 -55.07 -12.33
C ASP D 234 10.14 -56.25 -11.47
N SER D 235 10.89 -57.36 -11.48
CA SER D 235 10.56 -58.50 -10.64
C SER D 235 11.02 -58.25 -9.20
N GLN D 236 11.89 -57.25 -8.99
CA GLN D 236 12.37 -56.93 -7.67
C GLN D 236 11.55 -55.84 -7.00
N ILE D 237 10.90 -54.99 -7.82
CA ILE D 237 10.37 -53.73 -7.33
C ILE D 237 8.88 -53.61 -7.61
N THR D 238 8.50 -53.55 -8.89
CA THR D 238 7.13 -53.23 -9.25
C THR D 238 6.24 -54.45 -8.99
N VAL D 239 6.73 -55.65 -9.29
CA VAL D 239 5.88 -56.83 -9.17
C VAL D 239 5.56 -57.06 -7.70
N PRO D 240 6.54 -57.17 -6.77
CA PRO D 240 6.24 -57.24 -5.34
C PRO D 240 5.32 -56.14 -4.81
N ALA D 241 5.51 -54.91 -5.28
CA ALA D 241 4.72 -53.79 -4.81
C ALA D 241 3.26 -53.96 -5.19
N VAL D 242 2.99 -54.43 -6.42
CA VAL D 242 1.63 -54.63 -6.93
C VAL D 242 0.94 -55.73 -6.13
N GLU D 243 1.68 -56.81 -5.79
CA GLU D 243 1.12 -57.90 -5.00
C GLU D 243 0.77 -57.43 -3.60
N THR D 244 1.61 -56.57 -3.00
CA THR D 244 1.38 -56.06 -1.66
C THR D 244 0.16 -55.14 -1.68
N LEU D 245 -0.04 -54.40 -2.78
CA LEU D 245 -1.12 -53.43 -2.88
C LEU D 245 -2.44 -54.13 -3.14
N ARG D 246 -2.44 -55.25 -3.89
CA ARG D 246 -3.66 -56.02 -4.08
C ARG D 246 -4.09 -56.62 -2.75
N LYS D 247 -3.14 -57.15 -1.97
CA LYS D 247 -3.42 -57.78 -0.68
C LYS D 247 -4.10 -56.82 0.29
N ARG D 248 -3.76 -55.52 0.20
CA ARG D 248 -4.44 -54.50 1.00
C ARG D 248 -5.76 -54.06 0.35
N GLY D 249 -6.08 -54.63 -0.82
CA GLY D 249 -7.42 -54.55 -1.40
C GLY D 249 -7.56 -53.38 -2.36
N LEU D 250 -6.50 -53.08 -3.11
CA LEU D 250 -6.53 -52.06 -4.15
C LEU D 250 -6.58 -52.74 -5.53
N THR D 251 -7.37 -52.15 -6.44
CA THR D 251 -7.52 -52.66 -7.80
C THR D 251 -6.33 -52.19 -8.64
N VAL D 252 -5.31 -53.06 -8.81
CA VAL D 252 -4.05 -52.67 -9.43
C VAL D 252 -3.66 -53.63 -10.54
N ASP D 253 -3.54 -53.10 -11.77
CA ASP D 253 -2.93 -53.82 -12.87
C ASP D 253 -1.46 -53.40 -13.00
N GLY D 254 -0.62 -54.35 -13.43
CA GLY D 254 0.76 -54.05 -13.76
C GLY D 254 1.73 -54.94 -12.99
N PRO D 255 3.06 -54.73 -13.15
CA PRO D 255 3.59 -53.71 -14.05
C PRO D 255 3.36 -54.07 -15.51
N MET D 256 3.05 -53.05 -16.32
CA MET D 256 2.95 -53.18 -17.77
C MET D 256 3.79 -52.07 -18.39
N GLY D 257 4.21 -52.28 -19.65
CA GLY D 257 4.96 -51.27 -20.38
C GLY D 257 4.15 -49.97 -20.49
N ALA D 258 4.79 -48.84 -20.15
CA ALA D 258 4.07 -47.60 -19.99
C ALA D 258 3.33 -47.25 -21.28
N ASP D 259 3.99 -47.53 -22.41
CA ASP D 259 3.47 -47.19 -23.73
C ASP D 259 2.13 -47.87 -23.97
N MET D 260 2.07 -49.16 -23.64
CA MET D 260 0.95 -49.99 -24.01
C MET D 260 -0.25 -49.72 -23.08
N VAL D 261 0.01 -49.53 -21.78
CA VAL D 261 -1.08 -49.44 -20.83
C VAL D 261 -1.72 -48.05 -20.94
N LEU D 262 -0.90 -46.99 -21.06
CA LEU D 262 -1.43 -45.64 -21.21
C LEU D 262 -2.42 -45.61 -22.37
N ALA D 263 -2.04 -46.24 -23.49
CA ALA D 263 -2.82 -46.15 -24.72
C ALA D 263 -4.20 -46.79 -24.57
N GLN D 264 -4.36 -47.72 -23.62
CA GLN D 264 -5.65 -48.38 -23.38
C GLN D 264 -6.64 -47.37 -22.81
N ARG D 265 -6.14 -46.42 -22.00
CA ARG D 265 -6.92 -45.29 -21.50
C ARG D 265 -8.12 -45.78 -20.68
N LYS D 266 -7.85 -46.62 -19.67
CA LYS D 266 -8.89 -47.33 -18.94
C LYS D 266 -8.67 -47.28 -17.43
N HIS D 267 -7.76 -46.43 -16.96
CA HIS D 267 -7.43 -46.36 -15.55
C HIS D 267 -7.59 -44.93 -15.06
N ASP D 268 -7.89 -44.77 -13.78
CA ASP D 268 -8.07 -43.45 -13.19
C ASP D 268 -6.74 -42.89 -12.70
N LEU D 269 -5.76 -43.77 -12.51
CA LEU D 269 -4.49 -43.38 -11.95
C LEU D 269 -3.39 -44.23 -12.58
N TYR D 270 -2.41 -43.59 -13.20
CA TYR D 270 -1.21 -44.26 -13.65
C TYR D 270 -0.07 -43.93 -12.69
N VAL D 271 0.85 -44.87 -12.51
CA VAL D 271 1.96 -44.70 -11.58
C VAL D 271 3.25 -44.78 -12.39
N ALA D 272 3.89 -43.63 -12.62
CA ALA D 272 5.11 -43.58 -13.42
C ALA D 272 6.32 -43.81 -12.52
N MET D 273 7.37 -44.44 -13.08
CA MET D 273 8.59 -44.71 -12.33
C MET D 273 9.57 -43.56 -12.45
N LEU D 274 9.59 -42.91 -13.62
CA LEU D 274 10.53 -41.83 -13.91
C LEU D 274 9.78 -40.59 -14.38
N HIS D 275 10.32 -39.42 -14.05
CA HIS D 275 9.82 -38.13 -14.46
C HIS D 275 9.24 -38.17 -15.88
N ASP D 276 10.05 -38.59 -16.86
CA ASP D 276 9.70 -38.42 -18.27
C ASP D 276 8.52 -39.31 -18.64
N GLN D 277 8.37 -40.45 -17.98
CA GLN D 277 7.35 -41.42 -18.35
C GLN D 277 5.97 -40.79 -18.20
N GLY D 278 5.82 -39.97 -17.18
CA GLY D 278 4.54 -39.35 -16.84
C GLY D 278 4.42 -37.94 -17.43
N HIS D 279 5.56 -37.26 -17.59
CA HIS D 279 5.54 -35.86 -18.01
C HIS D 279 5.29 -35.77 -19.53
N ILE D 280 5.82 -36.72 -20.31
CA ILE D 280 5.67 -36.67 -21.75
C ILE D 280 4.20 -36.72 -22.17
N PRO D 281 3.40 -37.71 -21.72
CA PRO D 281 2.00 -37.82 -22.15
C PRO D 281 1.18 -36.60 -21.75
N ILE D 282 1.46 -36.06 -20.55
CA ILE D 282 0.68 -34.99 -19.98
C ILE D 282 0.86 -33.72 -20.79
N LYS D 283 2.11 -33.35 -21.10
CA LYS D 283 2.44 -32.15 -21.86
C LYS D 283 1.93 -32.25 -23.29
N LEU D 284 1.79 -33.48 -23.79
CA LEU D 284 1.42 -33.71 -25.18
C LEU D 284 -0.07 -33.47 -25.35
N LEU D 285 -0.86 -34.00 -24.41
CA LEU D 285 -2.31 -33.99 -24.52
C LEU D 285 -2.89 -32.73 -23.93
N ALA D 286 -2.23 -32.18 -22.90
CA ALA D 286 -2.69 -31.00 -22.20
C ALA D 286 -1.55 -29.99 -22.16
N PRO D 287 -1.16 -29.41 -23.33
CA PRO D 287 -0.18 -28.31 -23.34
C PRO D 287 -0.67 -27.08 -22.58
N ASN D 288 -2.00 -27.00 -22.39
CA ASN D 288 -2.60 -25.99 -21.57
C ASN D 288 -3.77 -26.62 -20.80
N GLY D 289 -3.90 -26.30 -19.51
CA GLY D 289 -5.01 -26.79 -18.70
C GLY D 289 -4.62 -28.01 -17.86
N ALA D 290 -3.31 -28.14 -17.59
CA ALA D 290 -2.77 -29.20 -16.74
C ALA D 290 -2.55 -28.62 -15.36
N SER D 291 -2.54 -29.50 -14.34
CA SER D 291 -2.37 -29.10 -12.96
C SER D 291 -1.29 -29.99 -12.36
N ALA D 292 -0.43 -29.39 -11.53
CA ALA D 292 0.65 -30.09 -10.86
C ALA D 292 0.34 -30.18 -9.37
N LEU D 293 -0.04 -31.37 -8.87
CA LEU D 293 -0.32 -31.57 -7.46
C LEU D 293 0.92 -32.14 -6.77
N SER D 294 1.40 -31.41 -5.75
CA SER D 294 2.40 -31.95 -4.85
C SER D 294 1.65 -32.56 -3.67
N ILE D 295 1.94 -33.84 -3.39
CA ILE D 295 1.33 -34.60 -2.31
C ILE D 295 2.42 -35.03 -1.32
N GLY D 296 2.11 -34.92 -0.02
CA GLY D 296 3.04 -35.26 1.05
C GLY D 296 2.32 -35.09 2.39
N GLY D 297 2.42 -36.09 3.27
CA GLY D 297 1.48 -36.19 4.37
C GLY D 297 0.03 -36.04 3.87
N ARG D 298 -0.79 -35.29 4.61
CA ARG D 298 -2.18 -35.10 4.23
C ARG D 298 -2.34 -33.90 3.29
N VAL D 299 -1.24 -33.23 2.97
CA VAL D 299 -1.30 -31.97 2.25
C VAL D 299 -1.23 -32.21 0.76
N VAL D 300 -2.22 -31.68 0.04
CA VAL D 300 -2.21 -31.67 -1.41
C VAL D 300 -2.13 -30.22 -1.89
N LEU D 301 -1.02 -29.84 -2.54
CA LEU D 301 -0.82 -28.47 -2.99
C LEU D 301 -0.80 -28.39 -4.50
N SER D 302 -1.68 -27.55 -5.08
CA SER D 302 -1.61 -27.28 -6.51
C SER D 302 -1.31 -25.80 -6.76
N SER D 303 -0.40 -25.55 -7.70
CA SER D 303 -0.24 -24.23 -8.29
C SER D 303 -1.39 -23.99 -9.26
N VAL D 304 -1.61 -22.72 -9.61
CA VAL D 304 -2.27 -22.32 -10.82
C VAL D 304 -1.24 -22.47 -11.94
N GLY D 305 -1.67 -22.59 -13.19
CA GLY D 305 -0.72 -22.98 -14.23
C GLY D 305 -0.06 -21.81 -14.94
N HIS D 306 0.26 -20.72 -14.23
CA HIS D 306 0.75 -19.53 -14.91
C HIS D 306 1.55 -18.62 -13.98
N GLY D 307 2.18 -17.59 -14.55
CA GLY D 307 3.10 -16.72 -13.84
C GLY D 307 2.39 -15.53 -13.20
N SER D 308 3.19 -14.71 -12.51
CA SER D 308 2.71 -13.61 -11.68
C SER D 308 2.28 -12.43 -12.53
N ALA D 309 2.71 -12.39 -13.80
CA ALA D 309 2.26 -11.41 -14.78
C ALA D 309 2.48 -9.97 -14.29
N MET D 310 3.71 -9.67 -13.89
CA MET D 310 4.06 -8.39 -13.29
C MET D 310 3.71 -7.23 -14.21
N ASP D 311 3.74 -7.43 -15.53
CA ASP D 311 3.50 -6.31 -16.43
C ASP D 311 2.05 -5.85 -16.34
N ILE D 312 1.11 -6.74 -15.98
CA ILE D 312 -0.31 -6.41 -15.97
C ILE D 312 -0.87 -6.33 -14.55
N ALA D 313 -0.02 -6.55 -13.54
CA ALA D 313 -0.44 -6.45 -12.15
C ALA D 313 -1.02 -5.07 -11.87
N GLY D 314 -2.20 -5.05 -11.26
CA GLY D 314 -2.90 -3.82 -10.94
C GLY D 314 -3.70 -3.25 -12.13
N ARG D 315 -3.58 -3.85 -13.31
CA ARG D 315 -4.12 -3.23 -14.53
C ARG D 315 -5.49 -3.80 -14.88
N GLY D 316 -5.92 -4.87 -14.21
CA GLY D 316 -7.28 -5.36 -14.31
C GLY D 316 -7.51 -6.16 -15.60
N VAL D 317 -6.51 -6.96 -15.97
CA VAL D 317 -6.44 -7.61 -17.28
C VAL D 317 -6.50 -9.14 -17.10
N ALA D 318 -6.30 -9.64 -15.87
CA ALA D 318 -6.16 -11.07 -15.66
C ALA D 318 -7.51 -11.70 -15.32
N ASP D 319 -7.70 -12.94 -15.74
CA ASP D 319 -8.88 -13.73 -15.43
C ASP D 319 -8.51 -14.76 -14.39
N ALA D 320 -9.56 -15.23 -13.75
CA ALA D 320 -9.43 -16.18 -12.67
C ALA D 320 -9.59 -17.62 -13.17
N THR D 321 -9.78 -17.80 -14.49
CA THR D 321 -10.14 -19.09 -15.05
C THR D 321 -9.21 -20.17 -14.53
N ALA D 322 -7.90 -19.94 -14.61
CA ALA D 322 -6.93 -20.97 -14.23
C ALA D 322 -7.06 -21.25 -12.74
N LEU D 323 -7.29 -20.20 -11.96
CA LEU D 323 -7.51 -20.37 -10.53
C LEU D 323 -8.79 -21.19 -10.32
N LEU D 324 -9.90 -20.81 -10.96
CA LEU D 324 -11.18 -21.46 -10.75
C LEU D 324 -11.11 -22.93 -11.18
N ARG D 325 -10.34 -23.22 -12.24
CA ARG D 325 -10.19 -24.58 -12.74
C ARG D 325 -9.56 -25.44 -11.64
N THR D 326 -8.59 -24.85 -10.93
CA THR D 326 -7.82 -25.54 -9.91
C THR D 326 -8.69 -25.79 -8.68
N ILE D 327 -9.50 -24.80 -8.32
CA ILE D 327 -10.44 -24.92 -7.22
C ILE D 327 -11.43 -26.03 -7.54
N ALA D 328 -11.94 -26.06 -8.78
CA ALA D 328 -12.89 -27.08 -9.22
C ALA D 328 -12.29 -28.47 -9.07
N LEU D 329 -10.97 -28.56 -9.33
CA LEU D 329 -10.26 -29.83 -9.32
C LEU D 329 -10.06 -30.35 -7.89
N LEU D 330 -9.51 -29.50 -7.00
CA LEU D 330 -9.25 -29.86 -5.62
C LEU D 330 -10.52 -29.80 -4.76
N GLY D 331 -11.66 -29.41 -5.33
CA GLY D 331 -12.87 -29.17 -4.55
C GLY D 331 -14.05 -30.00 -5.03
N ALA D 332 -13.75 -31.10 -5.74
CA ALA D 332 -14.77 -31.99 -6.26
C ALA D 332 -15.36 -32.85 -5.15
N GLN D 333 -16.50 -33.49 -5.48
CA GLN D 333 -17.02 -34.66 -4.77
C GLN D 333 -18.47 -34.84 -5.24
ZN ZN E . -1.78 30.06 -7.32
ZN ZN F . 4.64 9.81 -20.69
C1' 3HB G . 7.96 -30.22 -14.23
O1' 3HB G . 8.98 -30.04 -14.95
O2' 3HB G . 7.93 -30.78 -13.08
C1 3HB G . 6.71 -29.59 -14.67
C2 3HB G . 6.72 -28.75 -15.78
C3 3HB G . 5.54 -28.10 -16.14
C4 3HB G . 4.35 -28.33 -15.44
C5 3HB G . 4.36 -29.18 -14.34
C6 3HB G . 5.54 -29.79 -13.95
O3 3HB G . 5.53 -27.24 -17.23
H2 3HB G . 7.52 -28.57 -16.24
H4 3HB G . 3.56 -27.90 -15.71
H5 3HB G . 3.56 -29.33 -13.86
H6 3HB G . 5.53 -30.37 -13.21
HO3 3HB G . 4.77 -26.84 -17.38
ZN ZN H . 9.04 -52.26 -27.73
ZN ZN I . 10.01 -31.54 -14.10
CL CL J . -12.03 -22.68 6.42
#